data_6NMZ
#
_entry.id   6NMZ
#
_cell.length_a   56.070
_cell.length_b   106.170
_cell.length_c   152.780
_cell.angle_alpha   90.000
_cell.angle_beta   90.000
_cell.angle_gamma   90.000
#
_symmetry.space_group_name_H-M   'P 21 21 21'
#
loop_
_entity.id
_entity.type
_entity.pdbx_description
1 polymer 'ATP-dependent dethiobiotin synthetase BioD'
2 non-polymer '[(1S,2R)-2-(2-hydroxybenzene-1-carbonyl)cyclopentyl]acetic acid'
3 non-polymer '[(1R,2S)-2-(2-hydroxybenzene-1-carbonyl)cyclopentyl]acetic acid'
4 non-polymer 'SULFATE ION'
5 water water
#
_entity_poly.entity_id   1
_entity_poly.type   'polypeptide(L)'
_entity_poly.pdbx_seq_one_letter_code
;HHHHHHGGTILVVTGTGTGVGKTVVCAALASAARQAGIDVAVCKPVQTGTARGDDDLAEVGRLAGVTQLAGLARYPQPMA
PAAAAEHAGMALPARDQIVRLIADLDRPGRLTLVEGAGGLLVELAEPGVTLRDVAVDVAAAALVVVTADLGTLNHTKLTL
EALAAQQVSCAGLVIGSWPDPPGLVAASNRSALARIAMVRAALPAGAASLDAGDFAAMSAAAFDRNWVAGLVG
;
_entity_poly.pdbx_strand_id   A,B,C,D
#
# COMPACT_ATOMS: atom_id res chain seq x y z
N GLY A 7 9.70 8.79 -21.20
CA GLY A 7 9.45 7.41 -20.81
C GLY A 7 8.01 6.93 -20.92
N GLY A 8 7.83 5.61 -20.81
CA GLY A 8 6.49 5.04 -20.78
C GLY A 8 6.17 4.27 -19.52
N THR A 9 5.54 3.12 -19.66
CA THR A 9 5.16 2.30 -18.52
C THR A 9 5.94 1.01 -18.59
N ILE A 10 6.69 0.72 -17.53
CA ILE A 10 7.53 -0.46 -17.46
C ILE A 10 6.96 -1.34 -16.38
N LEU A 11 6.60 -2.57 -16.74
CA LEU A 11 6.13 -3.58 -15.81
C LEU A 11 7.09 -4.75 -15.86
N VAL A 12 7.68 -5.07 -14.73
CA VAL A 12 8.35 -6.35 -14.63
C VAL A 12 7.29 -7.40 -14.32
N VAL A 13 7.39 -8.52 -15.00
CA VAL A 13 6.54 -9.67 -14.78
C VAL A 13 7.40 -10.72 -14.08
N THR A 14 7.17 -10.90 -12.79
CA THR A 14 7.79 -11.97 -12.04
C THR A 14 6.71 -12.98 -11.60
N GLY A 15 7.11 -13.91 -10.77
CA GLY A 15 6.16 -14.90 -10.29
C GLY A 15 6.55 -15.46 -8.95
N THR A 16 5.59 -16.12 -8.31
CA THR A 16 5.85 -16.81 -7.06
C THR A 16 6.82 -17.95 -7.21
N GLY A 17 7.23 -18.29 -8.43
CA GLY A 17 8.12 -19.41 -8.60
C GLY A 17 8.54 -19.58 -10.04
N THR A 18 8.96 -20.80 -10.34
CA THR A 18 9.21 -21.21 -11.72
C THR A 18 8.07 -22.13 -12.16
N GLY A 19 7.66 -21.97 -13.42
CA GLY A 19 6.53 -22.71 -13.93
C GLY A 19 5.16 -22.12 -13.65
N VAL A 20 5.09 -20.88 -13.18
CA VAL A 20 3.80 -20.32 -12.82
C VAL A 20 3.07 -19.75 -14.04
N GLY A 21 3.75 -19.62 -15.17
CA GLY A 21 3.12 -19.03 -16.34
C GLY A 21 3.55 -17.62 -16.66
N LYS A 22 4.81 -17.26 -16.36
CA LYS A 22 5.26 -15.90 -16.66
C LYS A 22 5.13 -15.62 -18.13
N THR A 23 5.63 -16.52 -18.96
CA THR A 23 5.66 -16.26 -20.39
C THR A 23 4.26 -16.08 -20.96
N VAL A 24 3.36 -17.00 -20.66
CA VAL A 24 2.02 -16.91 -21.23
C VAL A 24 1.32 -15.64 -20.75
N VAL A 25 1.62 -15.17 -19.53
CA VAL A 25 1.00 -13.95 -19.05
C VAL A 25 1.55 -12.72 -19.77
N CYS A 26 2.87 -12.70 -20.03
CA CYS A 26 3.42 -11.61 -20.82
C CYS A 26 2.73 -11.55 -22.16
N ALA A 27 2.67 -12.69 -22.85
CA ALA A 27 2.04 -12.77 -24.15
C ALA A 27 0.57 -12.41 -24.09
N ALA A 28 -0.07 -12.68 -22.94
CA ALA A 28 -1.48 -12.37 -22.82
C ALA A 28 -1.71 -10.88 -22.57
N LEU A 29 -1.02 -10.32 -21.58
CA LEU A 29 -1.08 -8.88 -21.39
C LEU A 29 -0.69 -8.14 -22.67
N ALA A 30 0.39 -8.57 -23.33
CA ALA A 30 0.84 -7.88 -24.53
C ALA A 30 -0.25 -7.87 -25.60
N SER A 31 -0.94 -9.01 -25.79
CA SER A 31 -2.01 -9.06 -26.76
C SER A 31 -3.17 -8.14 -26.35
N ALA A 32 -3.65 -8.24 -25.12
CA ALA A 32 -4.73 -7.38 -24.71
C ALA A 32 -4.33 -5.90 -24.81
N ALA A 33 -3.08 -5.57 -24.45
CA ALA A 33 -2.62 -4.19 -24.57
C ALA A 33 -2.62 -3.71 -26.04
N ARG A 34 -2.06 -4.52 -26.95
CA ARG A 34 -2.12 -4.18 -28.37
C ARG A 34 -3.55 -3.95 -28.83
N GLN A 35 -4.45 -4.88 -28.48
CA GLN A 35 -5.86 -4.71 -28.82
C GLN A 35 -6.46 -3.45 -28.22
N ALA A 36 -5.88 -2.94 -27.12
CA ALA A 36 -6.21 -1.61 -26.64
C ALA A 36 -5.55 -0.51 -27.45
N GLY A 37 -4.83 -0.84 -28.51
CA GLY A 37 -4.14 0.16 -29.30
C GLY A 37 -2.87 0.66 -28.67
N ILE A 38 -2.37 -0.04 -27.66
CA ILE A 38 -1.14 0.32 -26.97
C ILE A 38 0.04 -0.27 -27.71
N ASP A 39 1.10 0.53 -27.84
CA ASP A 39 2.38 0.03 -28.36
C ASP A 39 3.07 -0.80 -27.29
N VAL A 40 3.41 -2.04 -27.63
CA VAL A 40 3.92 -3.01 -26.66
C VAL A 40 5.26 -3.50 -27.12
N ALA A 41 6.26 -3.40 -26.23
CA ALA A 41 7.52 -4.10 -26.34
C ALA A 41 7.61 -5.13 -25.21
N VAL A 42 8.28 -6.25 -25.48
CA VAL A 42 8.52 -7.31 -24.49
C VAL A 42 10.01 -7.62 -24.42
N CYS A 43 10.53 -7.76 -23.20
CA CYS A 43 11.96 -7.80 -22.90
C CYS A 43 12.27 -8.96 -21.98
N LYS A 44 13.20 -9.83 -22.37
CA LYS A 44 13.62 -11.00 -21.59
C LYS A 44 15.11 -10.85 -21.30
N PRO A 45 15.48 -10.12 -20.26
CA PRO A 45 16.91 -9.89 -20.00
C PRO A 45 17.76 -11.13 -19.94
N VAL A 46 17.30 -12.19 -19.27
CA VAL A 46 18.11 -13.38 -19.04
C VAL A 46 17.29 -14.63 -19.35
N GLN A 47 17.77 -15.45 -20.28
CA GLN A 47 17.03 -16.62 -20.76
C GLN A 47 17.89 -17.87 -20.64
N THR A 48 17.44 -18.84 -19.86
CA THR A 48 18.15 -20.10 -19.69
C THR A 48 17.41 -21.23 -20.39
N GLY A 49 18.02 -22.41 -20.35
CA GLY A 49 17.44 -23.60 -20.96
C GLY A 49 17.33 -23.57 -22.48
N THR A 50 18.22 -22.84 -23.16
CA THR A 50 18.07 -22.77 -24.61
C THR A 50 18.41 -24.11 -25.25
N ALA A 51 19.35 -24.84 -24.65
CA ALA A 51 19.66 -26.20 -25.08
C ALA A 51 18.46 -27.13 -24.96
N ARG A 52 17.40 -26.73 -24.25
CA ARG A 52 16.16 -27.51 -24.22
C ARG A 52 15.08 -26.93 -25.13
N GLY A 53 15.38 -25.91 -25.92
CA GLY A 53 14.37 -25.24 -26.71
C GLY A 53 13.65 -24.11 -26.02
N ASP A 54 13.99 -23.80 -24.77
CA ASP A 54 13.32 -22.68 -24.11
C ASP A 54 13.62 -21.38 -24.84
N ASP A 55 12.56 -20.68 -25.26
CA ASP A 55 12.72 -19.33 -25.82
C ASP A 55 11.44 -18.55 -25.53
N ASP A 56 11.45 -17.76 -24.45
CA ASP A 56 10.23 -17.08 -24.03
C ASP A 56 9.86 -15.96 -25.00
N LEU A 57 10.84 -15.19 -25.48
CA LEU A 57 10.52 -14.13 -26.44
C LEU A 57 9.85 -14.71 -27.68
N ALA A 58 10.36 -15.84 -28.19
CA ALA A 58 9.77 -16.48 -29.35
C ALA A 58 8.37 -17.00 -29.07
N GLU A 59 8.15 -17.56 -27.88
CA GLU A 59 6.80 -17.96 -27.49
C GLU A 59 5.85 -16.76 -27.44
N VAL A 60 6.34 -15.61 -27.01
CA VAL A 60 5.51 -14.41 -26.93
C VAL A 60 5.27 -13.85 -28.34
N GLY A 61 6.31 -13.82 -29.16
CA GLY A 61 6.12 -13.48 -30.56
C GLY A 61 5.16 -14.42 -31.25
N ARG A 62 5.29 -15.72 -30.98
CA ARG A 62 4.40 -16.72 -31.58
C ARG A 62 2.95 -16.49 -31.17
N LEU A 63 2.70 -16.49 -29.85
CA LEU A 63 1.33 -16.42 -29.35
C LEU A 63 0.71 -15.05 -29.54
N ALA A 64 1.50 -13.98 -29.41
CA ALA A 64 0.93 -12.64 -29.34
C ALA A 64 1.25 -11.75 -30.53
N GLY A 65 2.08 -12.21 -31.47
CA GLY A 65 2.42 -11.37 -32.60
C GLY A 65 3.16 -10.11 -32.22
N VAL A 66 3.81 -10.10 -31.06
CA VAL A 66 4.69 -9.00 -30.74
C VAL A 66 5.95 -9.14 -31.57
N THR A 67 6.31 -8.08 -32.30
CA THR A 67 7.54 -8.08 -33.06
C THR A 67 8.67 -7.40 -32.31
N GLN A 68 8.33 -6.47 -31.43
CA GLN A 68 9.29 -5.67 -30.66
C GLN A 68 9.73 -6.51 -29.46
N LEU A 69 10.80 -7.28 -29.68
CA LEU A 69 11.27 -8.28 -28.74
C LEU A 69 12.74 -8.01 -28.50
N ALA A 70 13.21 -8.17 -27.26
CA ALA A 70 14.57 -7.79 -26.95
C ALA A 70 15.13 -8.70 -25.88
N GLY A 71 16.15 -9.46 -26.26
CA GLY A 71 16.86 -10.36 -25.36
C GLY A 71 18.22 -9.82 -25.00
N LEU A 72 18.98 -10.65 -24.29
CA LEU A 72 20.34 -10.29 -23.91
C LEU A 72 21.15 -11.54 -23.59
N ALA A 73 21.04 -12.07 -22.38
CA ALA A 73 21.73 -13.29 -22.01
C ALA A 73 20.97 -14.53 -22.42
N ARG A 74 21.68 -15.50 -23.01
CA ARG A 74 21.13 -16.82 -23.31
C ARG A 74 22.07 -17.90 -22.81
N TYR A 75 21.52 -18.90 -22.11
CA TYR A 75 22.32 -19.96 -21.50
C TYR A 75 21.67 -21.31 -21.77
N PRO A 76 22.47 -22.33 -22.11
CA PRO A 76 21.88 -23.64 -22.50
C PRO A 76 21.13 -24.38 -21.40
N GLN A 77 21.73 -24.54 -20.21
CA GLN A 77 21.12 -25.43 -19.22
C GLN A 77 19.84 -24.82 -18.67
N PRO A 78 18.85 -25.63 -18.38
CA PRO A 78 17.60 -25.16 -17.75
C PRO A 78 17.71 -25.07 -16.23
N MET A 79 18.58 -24.20 -15.75
CA MET A 79 18.78 -24.00 -14.31
C MET A 79 18.68 -22.51 -13.99
N ALA A 80 19.01 -22.13 -12.76
CA ALA A 80 19.07 -20.71 -12.42
C ALA A 80 20.18 -20.05 -13.23
N PRO A 81 19.97 -18.80 -13.70
CA PRO A 81 20.98 -18.12 -14.53
C PRO A 81 22.39 -18.23 -13.99
N ALA A 82 22.56 -17.98 -12.69
CA ALA A 82 23.88 -18.09 -12.07
C ALA A 82 24.50 -19.45 -12.38
N ALA A 83 23.75 -20.54 -12.12
CA ALA A 83 24.26 -21.87 -12.38
C ALA A 83 24.48 -22.09 -13.87
N ALA A 84 23.46 -21.81 -14.68
CA ALA A 84 23.56 -22.03 -16.13
C ALA A 84 24.76 -21.31 -16.74
N ALA A 85 25.14 -20.15 -16.18
CA ALA A 85 26.30 -19.44 -16.70
C ALA A 85 27.59 -20.17 -16.34
N GLU A 86 27.75 -20.53 -15.06
CA GLU A 86 28.96 -21.24 -14.64
C GLU A 86 29.15 -22.51 -15.44
N HIS A 87 28.06 -23.25 -15.70
CA HIS A 87 28.18 -24.51 -16.41
C HIS A 87 28.41 -24.31 -17.91
N ALA A 88 28.49 -23.07 -18.38
CA ALA A 88 28.86 -22.80 -19.76
C ALA A 88 30.16 -22.00 -19.86
N GLY A 89 30.79 -21.70 -18.74
CA GLY A 89 31.97 -20.86 -18.76
C GLY A 89 31.64 -19.43 -19.08
N MET A 90 30.44 -18.98 -18.75
CA MET A 90 29.96 -17.68 -19.11
C MET A 90 29.66 -16.87 -17.86
N ALA A 91 29.59 -15.56 -18.04
CA ALA A 91 29.36 -14.63 -16.97
C ALA A 91 27.94 -14.09 -17.07
N LEU A 92 27.38 -13.67 -15.94
CA LEU A 92 26.06 -13.05 -15.95
C LEU A 92 26.16 -11.66 -16.57
N PRO A 93 25.05 -11.12 -17.07
CA PRO A 93 25.08 -9.72 -17.51
C PRO A 93 25.34 -8.82 -16.32
N ALA A 94 25.76 -7.61 -16.63
CA ALA A 94 25.93 -6.61 -15.60
C ALA A 94 24.61 -5.90 -15.38
N ARG A 95 24.44 -5.33 -14.19
N ARG A 95 24.46 -5.31 -14.20
CA ARG A 95 23.26 -4.55 -13.85
CA ARG A 95 23.26 -4.55 -13.86
C ARG A 95 22.95 -3.54 -14.96
C ARG A 95 22.94 -3.51 -14.93
N ASP A 96 23.94 -2.71 -15.30
CA ASP A 96 23.70 -1.65 -16.26
C ASP A 96 23.53 -2.18 -17.68
N GLN A 97 24.01 -3.39 -17.97
CA GLN A 97 23.65 -4.01 -19.24
C GLN A 97 22.15 -4.31 -19.31
N ILE A 98 21.56 -4.75 -18.21
CA ILE A 98 20.12 -4.99 -18.17
C ILE A 98 19.36 -3.66 -18.17
N VAL A 99 19.77 -2.74 -17.31
CA VAL A 99 19.05 -1.47 -17.20
C VAL A 99 19.06 -0.72 -18.53
N ARG A 100 20.23 -0.67 -19.19
CA ARG A 100 20.31 -0.01 -20.50
C ARG A 100 19.35 -0.63 -21.49
N LEU A 101 19.23 -1.97 -21.49
CA LEU A 101 18.35 -2.65 -22.43
C LEU A 101 16.91 -2.23 -22.23
N ILE A 102 16.47 -2.16 -20.97
CA ILE A 102 15.11 -1.72 -20.69
C ILE A 102 14.95 -0.27 -21.12
N ALA A 103 15.86 0.61 -20.67
CA ALA A 103 15.73 2.03 -20.97
C ALA A 103 15.72 2.31 -22.47
N ASP A 104 16.47 1.53 -23.25
CA ASP A 104 16.49 1.83 -24.68
C ASP A 104 15.16 1.50 -25.34
N LEU A 105 14.38 0.55 -24.80
CA LEU A 105 13.03 0.26 -25.33
C LEU A 105 11.99 1.25 -24.81
N ASP A 106 12.18 1.78 -23.60
CA ASP A 106 11.21 2.66 -22.96
C ASP A 106 10.93 3.89 -23.83
N ARG A 107 9.65 4.17 -24.07
CA ARG A 107 9.19 5.25 -24.93
C ARG A 107 7.88 5.75 -24.36
N PRO A 108 7.56 7.01 -24.57
CA PRO A 108 6.23 7.50 -24.18
C PRO A 108 5.13 6.74 -24.93
N GLY A 109 4.05 6.44 -24.22
CA GLY A 109 2.97 5.67 -24.82
C GLY A 109 3.26 4.22 -25.09
N ARG A 110 4.40 3.70 -24.68
CA ARG A 110 4.70 2.29 -24.85
C ARG A 110 4.58 1.56 -23.51
N LEU A 111 3.93 0.40 -23.53
CA LEU A 111 4.02 -0.55 -22.44
C LEU A 111 5.17 -1.49 -22.74
N THR A 112 6.17 -1.51 -21.86
CA THR A 112 7.35 -2.35 -22.01
C THR A 112 7.30 -3.41 -20.91
N LEU A 113 7.32 -4.68 -21.29
CA LEU A 113 7.15 -5.79 -20.36
C LEU A 113 8.49 -6.49 -20.15
N VAL A 114 8.89 -6.66 -18.90
CA VAL A 114 10.22 -7.15 -18.57
C VAL A 114 10.06 -8.47 -17.82
N GLU A 115 10.34 -9.56 -18.51
CA GLU A 115 10.01 -10.88 -17.98
C GLU A 115 11.20 -11.40 -17.19
N GLY A 116 10.98 -11.72 -15.90
CA GLY A 116 12.02 -12.32 -15.09
C GLY A 116 12.32 -13.78 -15.46
N ALA A 117 13.33 -14.33 -14.78
CA ALA A 117 13.65 -15.75 -14.85
C ALA A 117 13.46 -16.35 -13.47
N GLY A 118 12.68 -17.41 -13.38
CA GLY A 118 12.27 -17.92 -12.06
C GLY A 118 11.52 -16.89 -11.24
N GLY A 119 11.68 -16.97 -9.90
CA GLY A 119 11.03 -16.04 -9.00
C GLY A 119 11.76 -14.71 -8.79
N LEU A 120 11.18 -13.86 -7.93
CA LEU A 120 11.63 -12.48 -7.80
C LEU A 120 13.08 -12.38 -7.34
N LEU A 121 13.54 -13.28 -6.48
CA LEU A 121 14.82 -13.06 -5.84
C LEU A 121 15.96 -13.81 -6.53
N VAL A 122 15.69 -14.36 -7.71
CA VAL A 122 16.75 -14.99 -8.51
C VAL A 122 17.80 -13.97 -8.95
N GLU A 123 19.08 -14.38 -8.86
CA GLU A 123 20.19 -13.56 -9.34
C GLU A 123 20.14 -13.50 -10.87
N LEU A 124 20.01 -12.28 -11.40
CA LEU A 124 20.05 -12.05 -12.84
C LEU A 124 21.34 -11.42 -13.32
N ALA A 125 22.13 -10.89 -12.40
CA ALA A 125 23.29 -10.09 -12.77
C ALA A 125 24.21 -10.05 -11.58
N GLU A 126 25.49 -9.84 -11.86
CA GLU A 126 26.46 -9.81 -10.78
C GLU A 126 26.47 -8.42 -10.14
N PRO A 127 26.55 -8.33 -8.80
CA PRO A 127 26.53 -9.46 -7.87
C PRO A 127 25.28 -9.48 -7.03
N GLY A 128 24.50 -10.56 -7.15
CA GLY A 128 23.24 -10.67 -6.43
C GLY A 128 22.13 -9.74 -6.90
N VAL A 129 22.19 -9.29 -8.14
CA VAL A 129 21.25 -8.29 -8.63
C VAL A 129 19.99 -9.01 -9.08
N THR A 130 18.86 -8.64 -8.49
CA THR A 130 17.59 -9.29 -8.77
C THR A 130 16.72 -8.45 -9.70
N LEU A 131 15.66 -9.10 -10.18
CA LEU A 131 14.64 -8.37 -10.90
C LEU A 131 14.06 -7.28 -10.03
N ARG A 132 14.04 -7.48 -8.72
CA ARG A 132 13.58 -6.42 -7.83
C ARG A 132 14.48 -5.19 -7.90
N ASP A 133 15.81 -5.41 -7.94
CA ASP A 133 16.70 -4.27 -8.07
C ASP A 133 16.53 -3.60 -9.43
N VAL A 134 16.37 -4.39 -10.49
CA VAL A 134 16.09 -3.80 -11.80
C VAL A 134 14.85 -2.91 -11.74
N ALA A 135 13.80 -3.38 -11.04
CA ALA A 135 12.54 -2.64 -10.95
C ALA A 135 12.74 -1.28 -10.26
N VAL A 136 13.53 -1.26 -9.19
CA VAL A 136 13.80 -0.02 -8.51
C VAL A 136 14.48 0.96 -9.46
N ASP A 137 15.58 0.53 -10.09
CA ASP A 137 16.33 1.37 -11.01
C ASP A 137 15.46 1.96 -12.10
N VAL A 138 14.70 1.14 -12.81
CA VAL A 138 13.95 1.64 -13.95
C VAL A 138 12.59 2.14 -13.48
N ALA A 139 12.39 2.17 -12.17
CA ALA A 139 11.14 2.64 -11.54
C ALA A 139 9.91 1.92 -12.09
N ALA A 140 10.01 0.60 -12.20
CA ALA A 140 8.91 -0.19 -12.71
C ALA A 140 8.12 -0.79 -11.55
N ALA A 141 6.85 -1.01 -11.78
CA ALA A 141 6.05 -1.82 -10.88
C ALA A 141 6.13 -3.30 -11.31
N ALA A 142 5.61 -4.18 -10.47
CA ALA A 142 5.72 -5.61 -10.68
C ALA A 142 4.36 -6.27 -10.80
N LEU A 143 4.17 -7.01 -11.89
CA LEU A 143 3.09 -7.96 -12.02
C LEU A 143 3.57 -9.32 -11.52
N VAL A 144 2.79 -9.93 -10.62
CA VAL A 144 3.18 -11.19 -9.97
C VAL A 144 2.29 -12.30 -10.52
N VAL A 145 2.88 -13.24 -11.24
CA VAL A 145 2.12 -14.38 -11.72
C VAL A 145 2.11 -15.47 -10.66
N VAL A 146 0.92 -15.99 -10.36
CA VAL A 146 0.77 -16.99 -9.31
C VAL A 146 0.04 -18.22 -9.84
N THR A 147 0.15 -19.31 -9.08
CA THR A 147 -0.63 -20.52 -9.30
C THR A 147 -1.94 -20.49 -8.50
N ALA A 148 -2.87 -21.33 -8.92
CA ALA A 148 -4.08 -21.60 -8.17
C ALA A 148 -3.91 -22.68 -7.10
N ASP A 149 -2.71 -23.25 -6.96
CA ASP A 149 -2.56 -24.50 -6.24
C ASP A 149 -2.22 -24.28 -4.78
N LEU A 150 -1.89 -25.40 -4.12
CA LEU A 150 -1.69 -25.47 -2.68
C LEU A 150 -0.31 -24.92 -2.33
N GLY A 151 -0.27 -23.96 -1.43
CA GLY A 151 0.94 -23.25 -1.09
C GLY A 151 1.09 -21.90 -1.76
N THR A 152 0.13 -21.50 -2.61
CA THR A 152 0.27 -20.26 -3.36
C THR A 152 0.11 -19.02 -2.49
N LEU A 153 -0.63 -19.14 -1.38
CA LEU A 153 -0.83 -17.99 -0.52
C LEU A 153 0.45 -17.60 0.17
N ASN A 154 1.17 -18.60 0.71
CA ASN A 154 2.48 -18.33 1.30
C ASN A 154 3.42 -17.75 0.26
N HIS A 155 3.53 -18.42 -0.89
CA HIS A 155 4.52 -17.99 -1.88
C HIS A 155 4.20 -16.60 -2.39
N THR A 156 2.93 -16.26 -2.45
CA THR A 156 2.53 -14.93 -2.87
C THR A 156 2.78 -13.91 -1.77
N LYS A 157 2.37 -14.23 -0.54
CA LYS A 157 2.62 -13.34 0.58
C LYS A 157 4.10 -12.99 0.67
N LEU A 158 4.96 -14.00 0.57
CA LEU A 158 6.41 -13.80 0.55
C LEU A 158 6.83 -12.85 -0.57
N THR A 159 6.31 -13.07 -1.78
CA THR A 159 6.73 -12.28 -2.92
C THR A 159 6.30 -10.83 -2.75
N LEU A 160 5.04 -10.61 -2.36
CA LEU A 160 4.53 -9.25 -2.17
C LEU A 160 5.28 -8.54 -1.07
N GLU A 161 5.48 -9.22 0.06
CA GLU A 161 6.29 -8.64 1.13
C GLU A 161 7.64 -8.17 0.58
N ALA A 162 8.29 -9.02 -0.23
CA ALA A 162 9.61 -8.67 -0.76
C ALA A 162 9.56 -7.45 -1.66
N LEU A 163 8.49 -7.32 -2.45
CA LEU A 163 8.30 -6.13 -3.25
C LEU A 163 8.16 -4.88 -2.38
N ALA A 164 7.36 -4.97 -1.31
CA ALA A 164 7.12 -3.81 -0.47
C ALA A 164 8.36 -3.37 0.31
N ALA A 165 9.21 -4.31 0.74
CA ALA A 165 10.43 -3.94 1.44
C ALA A 165 11.30 -2.99 0.64
N GLN A 166 11.28 -3.10 -0.69
CA GLN A 166 12.02 -2.21 -1.57
C GLN A 166 11.12 -1.17 -2.23
N GLN A 167 9.92 -0.95 -1.69
N GLN A 167 9.93 -0.97 -1.68
CA GLN A 167 9.02 0.08 -2.20
CA GLN A 167 8.97 0.00 -2.17
C GLN A 167 8.71 -0.12 -3.68
C GLN A 167 8.77 -0.13 -3.67
N VAL A 168 8.52 -1.35 -4.12
CA VAL A 168 8.20 -1.65 -5.51
C VAL A 168 6.72 -1.99 -5.55
N SER A 169 5.96 -1.14 -6.24
CA SER A 169 4.52 -1.25 -6.31
C SER A 169 4.07 -2.53 -7.04
N CYS A 170 2.96 -3.09 -6.56
CA CYS A 170 2.38 -4.32 -7.10
C CYS A 170 1.26 -3.98 -8.08
N ALA A 171 1.54 -4.19 -9.36
CA ALA A 171 0.56 -3.91 -10.40
C ALA A 171 -0.63 -4.84 -10.34
N GLY A 172 -0.50 -5.95 -9.64
CA GLY A 172 -1.55 -6.96 -9.64
C GLY A 172 -1.00 -8.37 -9.56
N LEU A 173 -1.94 -9.29 -9.44
CA LEU A 173 -1.68 -10.72 -9.50
C LEU A 173 -2.33 -11.25 -10.76
N VAL A 174 -1.66 -12.15 -11.44
CA VAL A 174 -2.25 -12.90 -12.54
C VAL A 174 -2.13 -14.38 -12.20
N ILE A 175 -3.26 -15.06 -12.14
CA ILE A 175 -3.26 -16.52 -12.07
C ILE A 175 -2.95 -17.05 -13.47
N GLY A 176 -1.81 -17.71 -13.60
CA GLY A 176 -1.29 -18.09 -14.89
C GLY A 176 -1.74 -19.43 -15.42
N SER A 177 -2.50 -20.21 -14.65
CA SER A 177 -3.21 -21.38 -15.18
C SER A 177 -4.34 -21.71 -14.23
N TRP A 178 -5.57 -21.73 -14.76
CA TRP A 178 -6.81 -21.80 -13.97
C TRP A 178 -7.68 -22.93 -14.49
N PRO A 179 -8.02 -23.91 -13.68
CA PRO A 179 -8.80 -25.06 -14.18
C PRO A 179 -10.29 -24.73 -14.27
N ASP A 180 -10.94 -25.43 -15.19
CA ASP A 180 -12.39 -25.36 -15.26
C ASP A 180 -12.97 -26.75 -15.52
N PRO A 181 -13.89 -27.24 -14.67
CA PRO A 181 -14.38 -26.53 -13.48
C PRO A 181 -13.41 -26.56 -12.29
N PRO A 182 -13.31 -25.46 -11.56
CA PRO A 182 -12.38 -25.40 -10.42
C PRO A 182 -12.88 -26.20 -9.22
N GLY A 183 -11.93 -26.61 -8.39
CA GLY A 183 -12.19 -27.42 -7.22
C GLY A 183 -12.49 -26.59 -5.99
N LEU A 184 -12.35 -27.24 -4.82
CA LEU A 184 -12.61 -26.57 -3.56
C LEU A 184 -11.38 -25.82 -3.04
N VAL A 185 -10.18 -26.36 -3.28
CA VAL A 185 -8.96 -25.68 -2.85
C VAL A 185 -8.60 -24.53 -3.78
N ALA A 186 -8.76 -24.73 -5.09
CA ALA A 186 -8.49 -23.67 -6.05
C ALA A 186 -9.45 -22.50 -5.86
N ALA A 187 -10.75 -22.80 -5.71
CA ALA A 187 -11.74 -21.73 -5.54
C ALA A 187 -11.55 -20.98 -4.22
N SER A 188 -11.07 -21.67 -3.18
CA SER A 188 -10.75 -20.99 -1.93
C SER A 188 -9.50 -20.11 -2.07
N ASN A 189 -8.53 -20.56 -2.87
CA ASN A 189 -7.34 -19.75 -3.10
C ASN A 189 -7.69 -18.46 -3.83
N ARG A 190 -8.41 -18.56 -4.96
CA ARG A 190 -8.75 -17.37 -5.74
C ARG A 190 -9.43 -16.31 -4.88
N SER A 191 -10.32 -16.75 -3.98
N SER A 191 -10.30 -16.74 -3.96
CA SER A 191 -11.00 -15.82 -3.08
CA SER A 191 -10.99 -15.79 -3.09
C SER A 191 -10.02 -15.12 -2.14
C SER A 191 -10.03 -15.13 -2.12
N ALA A 192 -9.12 -15.91 -1.53
CA ALA A 192 -8.14 -15.33 -0.60
C ALA A 192 -7.16 -14.41 -1.32
N LEU A 193 -6.76 -14.76 -2.54
CA LEU A 193 -5.78 -13.96 -3.26
C LEU A 193 -6.30 -12.55 -3.53
N ALA A 194 -7.63 -12.39 -3.66
CA ALA A 194 -8.21 -11.07 -3.88
C ALA A 194 -8.21 -10.21 -2.61
N ARG A 195 -8.07 -10.82 -1.42
CA ARG A 195 -7.87 -10.11 -0.16
C ARG A 195 -6.42 -9.68 0.06
N ILE A 196 -5.48 -10.25 -0.70
CA ILE A 196 -4.08 -9.84 -0.62
C ILE A 196 -3.75 -8.77 -1.64
N ALA A 197 -4.18 -8.96 -2.89
CA ALA A 197 -3.96 -7.98 -3.93
C ALA A 197 -5.03 -8.13 -5.01
N MET A 198 -5.08 -7.15 -5.90
CA MET A 198 -5.98 -7.20 -7.03
C MET A 198 -5.60 -8.35 -7.95
N VAL A 199 -6.59 -9.12 -8.39
CA VAL A 199 -6.37 -10.20 -9.36
C VAL A 199 -6.76 -9.69 -10.73
N ARG A 200 -5.77 -9.49 -11.59
CA ARG A 200 -6.00 -8.82 -12.86
C ARG A 200 -6.53 -9.75 -13.92
N ALA A 201 -6.60 -11.04 -13.64
CA ALA A 201 -6.86 -12.05 -14.65
C ALA A 201 -6.59 -13.46 -14.12
N ALA A 202 -7.18 -14.45 -14.78
CA ALA A 202 -6.93 -15.86 -14.52
C ALA A 202 -7.04 -16.55 -15.87
N LEU A 203 -5.90 -17.01 -16.41
CA LEU A 203 -5.82 -17.54 -17.76
C LEU A 203 -6.20 -19.02 -17.78
N PRO A 204 -7.12 -19.41 -18.66
CA PRO A 204 -7.47 -20.82 -18.81
C PRO A 204 -6.27 -21.69 -19.11
N ALA A 205 -6.20 -22.84 -18.43
CA ALA A 205 -5.10 -23.76 -18.58
C ALA A 205 -4.90 -24.15 -20.05
N GLY A 206 -3.65 -24.34 -20.44
CA GLY A 206 -3.40 -24.62 -21.84
C GLY A 206 -3.61 -23.45 -22.78
N ALA A 207 -3.53 -22.22 -22.28
CA ALA A 207 -3.58 -21.06 -23.15
C ALA A 207 -2.45 -21.07 -24.16
N ALA A 208 -1.30 -21.61 -23.80
CA ALA A 208 -0.20 -21.67 -24.75
C ALA A 208 -0.48 -22.61 -25.93
N SER A 209 -1.62 -23.31 -25.94
N SER A 209 -1.61 -23.33 -25.95
CA SER A 209 -1.99 -24.18 -27.05
CA SER A 209 -1.97 -24.18 -27.07
C SER A 209 -3.04 -23.57 -27.96
C SER A 209 -2.91 -23.49 -28.06
N LEU A 210 -3.42 -22.31 -27.73
CA LEU A 210 -4.38 -21.64 -28.58
C LEU A 210 -3.66 -21.01 -29.77
N ASP A 211 -4.34 -20.97 -30.92
CA ASP A 211 -3.78 -20.34 -32.09
C ASP A 211 -3.95 -18.83 -31.99
N ALA A 212 -3.28 -18.13 -32.92
CA ALA A 212 -3.18 -16.68 -32.90
C ALA A 212 -4.49 -16.01 -32.48
N GLY A 213 -5.56 -16.29 -33.23
CA GLY A 213 -6.83 -15.66 -32.98
C GLY A 213 -7.42 -16.00 -31.64
N ASP A 214 -7.59 -17.30 -31.37
CA ASP A 214 -8.17 -17.75 -30.10
C ASP A 214 -7.43 -17.14 -28.92
N PHE A 215 -6.09 -17.23 -28.95
CA PHE A 215 -5.27 -16.64 -27.89
C PHE A 215 -5.60 -15.16 -27.70
N ALA A 216 -5.67 -14.41 -28.79
CA ALA A 216 -6.04 -13.00 -28.69
C ALA A 216 -7.45 -12.83 -28.14
N ALA A 217 -8.39 -13.66 -28.60
CA ALA A 217 -9.77 -13.55 -28.11
C ALA A 217 -9.83 -13.83 -26.62
N MET A 218 -9.06 -14.84 -26.18
CA MET A 218 -8.94 -15.11 -24.76
C MET A 218 -8.26 -13.96 -24.03
N SER A 219 -7.13 -13.47 -24.58
CA SER A 219 -6.39 -12.40 -23.92
C SER A 219 -7.23 -11.15 -23.77
N ALA A 220 -8.00 -10.81 -24.80
CA ALA A 220 -8.92 -9.69 -24.66
C ALA A 220 -9.94 -9.97 -23.58
N ALA A 221 -10.33 -11.24 -23.41
CA ALA A 221 -11.34 -11.57 -22.42
C ALA A 221 -10.78 -11.53 -21.00
N ALA A 222 -9.52 -11.92 -20.83
CA ALA A 222 -9.00 -12.24 -19.51
C ALA A 222 -8.82 -11.00 -18.63
N PHE A 223 -8.39 -9.90 -19.20
CA PHE A 223 -8.05 -8.70 -18.45
C PHE A 223 -9.19 -7.71 -18.48
N ASP A 224 -9.27 -6.86 -17.46
CA ASP A 224 -10.19 -5.73 -17.51
C ASP A 224 -9.68 -4.75 -18.57
N ARG A 225 -10.54 -4.36 -19.50
CA ARG A 225 -10.13 -3.40 -20.53
C ARG A 225 -9.73 -2.07 -19.91
N ASN A 226 -10.38 -1.69 -18.81
CA ASN A 226 -10.06 -0.42 -18.18
C ASN A 226 -8.73 -0.47 -17.47
N TRP A 227 -8.42 -1.58 -16.80
CA TRP A 227 -7.12 -1.65 -16.15
C TRP A 227 -6.00 -1.70 -17.18
N VAL A 228 -6.18 -2.47 -18.26
CA VAL A 228 -5.16 -2.48 -19.31
C VAL A 228 -4.99 -1.08 -19.90
N ALA A 229 -6.10 -0.50 -20.39
CA ALA A 229 -6.02 0.81 -21.03
C ALA A 229 -5.37 1.85 -20.10
N GLY A 230 -5.63 1.77 -18.81
CA GLY A 230 -5.08 2.73 -17.89
C GLY A 230 -3.63 2.53 -17.54
N LEU A 231 -2.99 1.50 -18.10
CA LEU A 231 -1.60 1.25 -17.77
C LEU A 231 -0.67 2.24 -18.44
N VAL A 232 -1.10 2.85 -19.54
CA VAL A 232 -0.24 3.76 -20.29
C VAL A 232 -0.97 5.08 -20.51
N GLY A 233 -0.29 6.18 -20.23
CA GLY A 233 -0.72 7.47 -20.73
C GLY A 233 -0.42 7.55 -22.22
N GLY B 7 13.47 -20.79 31.54
CA GLY B 7 13.16 -21.46 30.29
C GLY B 7 14.33 -22.22 29.65
N GLY B 8 14.00 -23.00 28.63
CA GLY B 8 14.97 -23.74 27.85
C GLY B 8 15.18 -23.17 26.46
N THR B 9 14.80 -23.92 25.42
CA THR B 9 15.07 -23.53 24.04
C THR B 9 13.89 -23.88 23.16
N ILE B 10 13.37 -22.89 22.44
CA ILE B 10 12.22 -23.06 21.56
C ILE B 10 12.62 -22.77 20.12
N LEU B 11 12.47 -23.78 19.26
CA LEU B 11 12.66 -23.65 17.82
C LEU B 11 11.31 -23.79 17.12
N VAL B 12 10.98 -22.86 16.23
CA VAL B 12 9.90 -23.09 15.30
C VAL B 12 10.49 -23.75 14.07
N VAL B 13 9.83 -24.80 13.59
CA VAL B 13 10.25 -25.49 12.38
C VAL B 13 9.24 -25.13 11.30
N THR B 14 9.70 -24.33 10.33
CA THR B 14 8.84 -23.94 9.22
C THR B 14 9.41 -24.44 7.90
N GLY B 15 8.77 -24.00 6.82
CA GLY B 15 9.14 -24.45 5.49
C GLY B 15 8.92 -23.35 4.47
N THR B 16 9.55 -23.55 3.31
CA THR B 16 9.37 -22.65 2.18
C THR B 16 8.05 -22.91 1.50
N GLY B 17 7.44 -24.05 1.75
CA GLY B 17 6.20 -24.38 1.12
C GLY B 17 5.49 -25.47 1.88
N THR B 18 4.50 -26.05 1.22
CA THR B 18 3.80 -27.23 1.73
C THR B 18 4.39 -28.46 1.07
N GLY B 19 4.49 -29.53 1.86
CA GLY B 19 5.07 -30.77 1.38
C GLY B 19 6.55 -30.69 1.07
N VAL B 20 7.32 -30.02 1.91
CA VAL B 20 8.77 -29.95 1.76
C VAL B 20 9.52 -30.78 2.81
N GLY B 21 8.81 -31.43 3.72
CA GLY B 21 9.42 -32.24 4.73
C GLY B 21 9.52 -31.64 6.11
N LYS B 22 8.60 -30.74 6.48
CA LYS B 22 8.58 -30.16 7.82
C LYS B 22 8.51 -31.25 8.89
N THR B 23 7.50 -32.13 8.80
CA THR B 23 7.26 -33.13 9.83
C THR B 23 8.46 -34.08 9.99
N VAL B 24 9.01 -34.57 8.88
CA VAL B 24 10.10 -35.52 9.00
C VAL B 24 11.36 -34.85 9.56
N VAL B 25 11.57 -33.57 9.25
CA VAL B 25 12.66 -32.85 9.89
C VAL B 25 12.40 -32.67 11.39
N CYS B 26 11.14 -32.49 11.79
CA CYS B 26 10.84 -32.41 13.22
C CYS B 26 11.24 -33.70 13.92
N ALA B 27 10.66 -34.81 13.48
CA ALA B 27 11.00 -36.12 14.02
C ALA B 27 12.50 -36.38 13.95
N ALA B 28 13.15 -35.94 12.87
CA ALA B 28 14.57 -36.23 12.72
C ALA B 28 15.41 -35.47 13.74
N LEU B 29 15.07 -34.21 14.03
CA LEU B 29 15.87 -33.45 14.99
C LEU B 29 15.48 -33.80 16.41
N ALA B 30 14.20 -34.09 16.64
CA ALA B 30 13.80 -34.64 17.94
C ALA B 30 14.58 -35.91 18.27
N SER B 31 14.61 -36.86 17.34
CA SER B 31 15.33 -38.12 17.58
C SER B 31 16.81 -37.86 17.85
N ALA B 32 17.44 -37.01 17.05
CA ALA B 32 18.84 -36.65 17.28
C ALA B 32 19.01 -36.02 18.66
N ALA B 33 18.14 -35.07 19.03
CA ALA B 33 18.29 -34.42 20.33
C ALA B 33 17.98 -35.37 21.48
N ARG B 34 17.10 -36.34 21.27
CA ARG B 34 16.87 -37.35 22.30
C ARG B 34 18.11 -38.19 22.49
N GLN B 35 18.73 -38.62 21.39
CA GLN B 35 19.98 -39.37 21.47
C GLN B 35 21.13 -38.53 21.98
N ALA B 36 20.98 -37.21 22.01
CA ALA B 36 21.88 -36.38 22.80
C ALA B 36 21.46 -36.30 24.24
N GLY B 37 20.36 -36.97 24.61
CA GLY B 37 19.86 -36.87 25.96
C GLY B 37 19.22 -35.55 26.28
N ILE B 38 18.64 -34.90 25.29
CA ILE B 38 17.85 -33.70 25.50
C ILE B 38 16.40 -34.12 25.59
N ASP B 39 15.66 -33.49 26.49
CA ASP B 39 14.24 -33.71 26.57
C ASP B 39 13.54 -32.88 25.50
N VAL B 40 12.70 -33.52 24.70
CA VAL B 40 12.11 -32.93 23.52
C VAL B 40 10.60 -32.89 23.67
N ALA B 41 10.00 -31.74 23.40
CA ALA B 41 8.56 -31.63 23.16
C ALA B 41 8.35 -31.11 21.74
N VAL B 42 7.24 -31.52 21.14
CA VAL B 42 6.89 -31.04 19.82
C VAL B 42 5.45 -30.54 19.87
N CYS B 43 5.26 -29.29 19.50
CA CYS B 43 3.94 -28.69 19.43
C CYS B 43 3.56 -28.45 17.96
N LYS B 44 2.35 -28.89 17.60
CA LYS B 44 1.74 -28.65 16.30
C LYS B 44 0.39 -28.02 16.61
N PRO B 45 0.35 -26.70 16.75
CA PRO B 45 -0.90 -26.05 17.21
C PRO B 45 -2.10 -26.39 16.35
N VAL B 46 -1.95 -26.32 15.01
CA VAL B 46 -3.03 -26.60 14.06
C VAL B 46 -2.61 -27.72 13.11
N GLN B 47 -3.49 -28.70 12.94
CA GLN B 47 -3.32 -29.84 12.04
C GLN B 47 -4.49 -29.88 11.05
N THR B 48 -4.19 -29.96 9.76
CA THR B 48 -5.26 -30.15 8.76
C THR B 48 -5.04 -31.47 8.02
N GLY B 49 -5.97 -31.78 7.12
CA GLY B 49 -5.89 -33.00 6.35
C GLY B 49 -6.25 -34.26 7.11
N THR B 50 -6.85 -34.11 8.28
CA THR B 50 -7.17 -35.27 9.11
C THR B 50 -8.08 -36.23 8.38
N ALA B 51 -9.07 -35.72 7.65
CA ALA B 51 -10.07 -36.57 7.02
C ALA B 51 -9.43 -37.67 6.18
N ARG B 52 -8.24 -37.42 5.64
CA ARG B 52 -7.52 -38.44 4.90
C ARG B 52 -6.43 -39.12 5.72
N GLY B 53 -6.24 -38.71 6.97
CA GLY B 53 -5.34 -39.42 7.88
C GLY B 53 -4.14 -38.65 8.37
N ASP B 54 -3.97 -37.38 7.98
CA ASP B 54 -2.81 -36.63 8.43
C ASP B 54 -2.78 -36.43 9.95
N ASP B 55 -1.60 -36.64 10.55
CA ASP B 55 -1.40 -36.45 11.99
C ASP B 55 0.10 -36.37 12.22
N ASP B 56 0.63 -35.15 12.16
CA ASP B 56 2.07 -34.98 12.22
C ASP B 56 2.62 -35.35 13.59
N LEU B 57 1.87 -35.04 14.66
CA LEU B 57 2.34 -35.38 16.00
C LEU B 57 2.53 -36.89 16.14
N ALA B 58 1.58 -37.68 15.62
CA ALA B 58 1.72 -39.13 15.60
C ALA B 58 3.03 -39.56 14.92
N GLU B 59 3.31 -39.01 13.73
CA GLU B 59 4.49 -39.46 13.01
C GLU B 59 5.76 -39.07 13.73
N VAL B 60 5.75 -37.95 14.46
CA VAL B 60 6.89 -37.61 15.31
C VAL B 60 7.02 -38.61 16.46
N GLY B 61 5.90 -39.02 17.05
CA GLY B 61 5.97 -40.02 18.10
C GLY B 61 6.46 -41.35 17.57
N ARG B 62 5.89 -41.80 16.46
CA ARG B 62 6.30 -43.04 15.85
C ARG B 62 7.81 -43.05 15.57
N LEU B 63 8.29 -42.03 14.88
CA LEU B 63 9.65 -42.03 14.37
C LEU B 63 10.68 -41.60 15.40
N ALA B 64 10.33 -40.72 16.34
CA ALA B 64 11.31 -40.27 17.31
C ALA B 64 10.96 -40.61 18.75
N GLY B 65 9.79 -41.20 19.01
CA GLY B 65 9.47 -41.63 20.36
C GLY B 65 9.20 -40.52 21.34
N VAL B 66 9.21 -39.25 20.88
CA VAL B 66 8.75 -38.14 21.68
C VAL B 66 7.37 -38.44 22.23
N THR B 67 7.16 -38.14 23.51
CA THR B 67 5.85 -38.35 24.12
C THR B 67 5.11 -37.06 24.46
N GLN B 68 5.84 -35.95 24.61
CA GLN B 68 5.22 -34.64 24.85
C GLN B 68 4.81 -34.01 23.51
N LEU B 69 3.56 -34.25 23.14
CA LEU B 69 3.05 -34.02 21.79
C LEU B 69 1.74 -33.26 21.93
N ALA B 70 1.76 -32.00 21.54
CA ALA B 70 0.76 -31.04 21.98
C ALA B 70 0.15 -30.35 20.77
N GLY B 71 -1.19 -30.38 20.69
CA GLY B 71 -1.90 -29.65 19.65
C GLY B 71 -3.24 -29.13 20.15
N LEU B 72 -3.80 -28.19 19.39
CA LEU B 72 -4.99 -27.48 19.82
C LEU B 72 -6.19 -27.71 18.94
N ALA B 73 -6.00 -27.83 17.61
CA ALA B 73 -7.13 -27.99 16.71
C ALA B 73 -6.74 -28.88 15.54
N ARG B 74 -7.75 -29.51 14.95
CA ARG B 74 -7.59 -30.51 13.90
C ARG B 74 -8.73 -30.30 12.91
N TYR B 75 -8.39 -30.13 11.62
CA TYR B 75 -9.45 -29.88 10.64
C TYR B 75 -9.49 -30.97 9.58
N PRO B 76 -10.69 -31.37 9.15
CA PRO B 76 -10.78 -32.49 8.18
C PRO B 76 -10.16 -32.18 6.82
N GLN B 77 -10.57 -31.08 6.19
CA GLN B 77 -10.11 -30.74 4.85
C GLN B 77 -8.60 -30.57 4.81
N PRO B 78 -7.90 -31.13 3.80
CA PRO B 78 -6.45 -30.90 3.65
C PRO B 78 -6.11 -29.60 2.95
N MET B 79 -6.54 -28.49 3.55
CA MET B 79 -6.29 -27.15 3.05
C MET B 79 -5.34 -26.39 4.00
N ALA B 80 -5.17 -25.10 3.74
CA ALA B 80 -4.59 -24.20 4.72
C ALA B 80 -5.55 -24.00 5.88
N PRO B 81 -5.02 -23.78 7.10
CA PRO B 81 -5.86 -23.70 8.30
C PRO B 81 -7.12 -22.83 8.18
N ALA B 82 -6.98 -21.61 7.67
CA ALA B 82 -8.11 -20.68 7.64
C ALA B 82 -9.17 -21.15 6.66
N ALA B 83 -8.75 -21.75 5.55
CA ALA B 83 -9.71 -22.33 4.61
C ALA B 83 -10.48 -23.46 5.27
N ALA B 84 -9.74 -24.40 5.89
CA ALA B 84 -10.33 -25.48 6.64
C ALA B 84 -11.30 -24.99 7.69
N ALA B 85 -10.94 -23.92 8.40
CA ALA B 85 -11.80 -23.35 9.42
C ALA B 85 -13.07 -22.75 8.82
N GLU B 86 -12.94 -22.02 7.71
CA GLU B 86 -14.12 -21.50 7.03
C GLU B 86 -15.02 -22.63 6.50
N HIS B 87 -14.42 -23.65 5.89
CA HIS B 87 -15.21 -24.72 5.29
C HIS B 87 -15.83 -25.64 6.34
N ALA B 88 -15.20 -25.78 7.51
CA ALA B 88 -15.80 -26.52 8.61
C ALA B 88 -16.73 -25.64 9.45
N GLY B 89 -16.57 -24.32 9.38
CA GLY B 89 -17.43 -23.42 10.12
C GLY B 89 -16.93 -23.03 11.50
N MET B 90 -15.62 -23.07 11.74
CA MET B 90 -15.09 -23.01 13.10
C MET B 90 -13.79 -22.24 13.10
N ALA B 91 -13.77 -21.09 13.79
CA ALA B 91 -12.60 -20.24 13.92
C ALA B 91 -11.33 -21.00 14.28
N LEU B 92 -10.19 -20.45 13.93
CA LEU B 92 -8.92 -20.99 14.36
C LEU B 92 -8.77 -20.77 15.87
N PRO B 93 -7.80 -21.42 16.50
CA PRO B 93 -7.46 -21.05 17.87
C PRO B 93 -7.06 -19.58 17.91
N ALA B 94 -7.05 -19.03 19.12
CA ALA B 94 -6.59 -17.67 19.30
C ALA B 94 -5.07 -17.62 19.48
N ARG B 95 -4.49 -16.46 19.18
CA ARG B 95 -3.06 -16.26 19.38
C ARG B 95 -2.65 -16.58 20.80
N ASP B 96 -3.50 -16.21 21.77
CA ASP B 96 -3.21 -16.45 23.18
C ASP B 96 -2.96 -17.93 23.46
N GLN B 97 -3.87 -18.80 23.01
CA GLN B 97 -3.74 -20.21 23.37
C GLN B 97 -2.45 -20.80 22.82
N ILE B 98 -2.08 -20.40 21.61
CA ILE B 98 -0.86 -20.92 20.98
C ILE B 98 0.36 -20.47 21.78
N VAL B 99 0.46 -19.18 22.08
CA VAL B 99 1.62 -18.65 22.77
C VAL B 99 1.74 -19.21 24.18
N ARG B 100 0.61 -19.41 24.88
CA ARG B 100 0.68 -19.98 26.22
C ARG B 100 1.02 -21.46 26.20
N LEU B 101 0.55 -22.20 25.19
CA LEU B 101 0.85 -23.62 25.13
C LEU B 101 2.34 -23.85 24.95
N ILE B 102 2.95 -23.12 24.02
CA ILE B 102 4.37 -23.23 23.78
C ILE B 102 5.14 -22.81 25.02
N ALA B 103 4.64 -21.80 25.73
CA ALA B 103 5.33 -21.30 26.91
C ALA B 103 5.14 -22.24 28.11
N ASP B 104 4.00 -22.94 28.19
CA ASP B 104 3.84 -24.00 29.18
C ASP B 104 4.69 -25.22 28.85
N LEU B 105 4.97 -25.47 27.56
CA LEU B 105 5.78 -26.63 27.22
C LEU B 105 7.25 -26.37 27.51
N ASP B 106 7.65 -25.11 27.43
CA ASP B 106 9.06 -24.74 27.59
C ASP B 106 9.47 -24.89 29.05
N ARG B 107 10.62 -25.54 29.26
CA ARG B 107 11.22 -25.70 30.57
C ARG B 107 12.72 -25.85 30.39
N PRO B 108 13.52 -25.52 31.39
CA PRO B 108 14.97 -25.63 31.24
C PRO B 108 15.39 -27.07 30.94
N GLY B 109 16.39 -27.20 30.09
CA GLY B 109 16.83 -28.50 29.61
C GLY B 109 15.98 -29.11 28.52
N ARG B 110 14.93 -28.43 28.07
CA ARG B 110 14.04 -28.97 27.06
C ARG B 110 14.20 -28.24 25.74
N LEU B 111 14.19 -29.01 24.65
CA LEU B 111 14.06 -28.48 23.30
C LEU B 111 12.59 -28.61 22.91
N THR B 112 11.93 -27.48 22.69
CA THR B 112 10.52 -27.46 22.30
C THR B 112 10.42 -27.03 20.83
N LEU B 113 10.11 -27.98 19.96
CA LEU B 113 9.86 -27.66 18.57
C LEU B 113 8.39 -27.29 18.36
N VAL B 114 8.17 -26.24 17.59
CA VAL B 114 6.85 -25.75 17.21
C VAL B 114 6.73 -25.93 15.71
N GLU B 115 5.72 -26.66 15.26
CA GLU B 115 5.54 -26.92 13.84
C GLU B 115 4.39 -26.10 13.29
N GLY B 116 4.68 -25.30 12.28
CA GLY B 116 3.66 -24.55 11.59
C GLY B 116 2.91 -25.45 10.66
N ALA B 117 2.08 -24.84 9.83
CA ALA B 117 1.35 -25.58 8.81
C ALA B 117 1.52 -24.85 7.49
N GLY B 118 2.01 -25.54 6.47
CA GLY B 118 2.32 -24.87 5.23
C GLY B 118 3.61 -24.07 5.36
N GLY B 119 3.60 -22.84 4.84
CA GLY B 119 4.76 -21.98 4.91
C GLY B 119 4.71 -21.01 6.09
N LEU B 120 5.75 -20.19 6.16
CA LEU B 120 5.96 -19.28 7.27
C LEU B 120 4.81 -18.29 7.49
N LEU B 121 4.09 -17.92 6.43
CA LEU B 121 3.11 -16.84 6.53
C LEU B 121 1.68 -17.33 6.30
N VAL B 122 1.43 -18.61 6.46
CA VAL B 122 0.03 -19.04 6.45
C VAL B 122 -0.59 -18.68 7.79
N GLU B 123 -1.89 -18.40 7.76
CA GLU B 123 -2.58 -17.94 8.94
C GLU B 123 -2.78 -19.10 9.91
N LEU B 124 -2.31 -18.93 11.14
CA LEU B 124 -2.41 -19.95 12.18
C LEU B 124 -3.48 -19.66 13.22
N ALA B 125 -3.79 -18.39 13.48
CA ALA B 125 -4.59 -18.05 14.64
C ALA B 125 -5.36 -16.76 14.37
N GLU B 126 -6.38 -16.51 15.19
CA GLU B 126 -7.12 -15.27 14.98
C GLU B 126 -6.46 -14.14 15.77
N PRO B 127 -6.35 -12.92 15.21
CA PRO B 127 -6.70 -12.52 13.85
C PRO B 127 -5.49 -12.40 12.92
N GLY B 128 -5.41 -13.29 11.92
CA GLY B 128 -4.36 -13.23 10.94
C GLY B 128 -2.95 -13.29 11.50
N VAL B 129 -2.67 -14.22 12.41
CA VAL B 129 -1.34 -14.32 13.01
C VAL B 129 -0.67 -15.60 12.52
N THR B 130 0.58 -15.49 12.15
CA THR B 130 1.31 -16.54 11.47
C THR B 130 2.28 -17.20 12.42
N LEU B 131 2.95 -18.23 11.92
CA LEU B 131 4.07 -18.81 12.65
C LEU B 131 5.12 -17.76 12.97
N ARG B 132 5.32 -16.80 12.07
CA ARG B 132 6.37 -15.81 12.32
C ARG B 132 6.04 -14.99 13.54
N ASP B 133 4.77 -14.60 13.67
CA ASP B 133 4.33 -13.87 14.85
C ASP B 133 4.54 -14.71 16.10
N VAL B 134 4.09 -15.96 16.04
CA VAL B 134 4.28 -16.86 17.18
C VAL B 134 5.72 -16.90 17.58
N ALA B 135 6.62 -16.93 16.60
CA ALA B 135 8.04 -17.05 16.88
C ALA B 135 8.55 -15.80 17.57
N VAL B 136 7.99 -14.63 17.25
CA VAL B 136 8.38 -13.42 17.96
C VAL B 136 7.89 -13.49 19.40
N ASP B 137 6.60 -13.80 19.56
CA ASP B 137 5.98 -13.79 20.87
C ASP B 137 6.66 -14.71 21.87
N VAL B 138 7.25 -15.82 21.40
CA VAL B 138 7.92 -16.74 22.31
C VAL B 138 9.44 -16.64 22.23
N ALA B 139 9.97 -15.63 21.51
CA ALA B 139 11.42 -15.42 21.36
C ALA B 139 12.11 -16.68 20.84
N ALA B 140 11.58 -17.23 19.76
CA ALA B 140 12.08 -18.47 19.19
C ALA B 140 12.85 -18.18 17.91
N ALA B 141 13.94 -18.92 17.71
CA ALA B 141 14.57 -18.92 16.42
C ALA B 141 13.72 -19.73 15.45
N ALA B 142 14.08 -19.65 14.17
CA ALA B 142 13.36 -20.33 13.12
C ALA B 142 14.31 -21.24 12.36
N LEU B 143 13.87 -22.47 12.12
CA LEU B 143 14.56 -23.43 11.27
C LEU B 143 13.72 -23.62 10.01
N VAL B 144 14.35 -23.50 8.85
CA VAL B 144 13.64 -23.51 7.57
C VAL B 144 13.94 -24.80 6.83
N VAL B 145 12.88 -25.52 6.44
CA VAL B 145 13.00 -26.75 5.68
C VAL B 145 12.74 -26.41 4.22
N VAL B 146 13.63 -26.87 3.34
CA VAL B 146 13.70 -26.48 1.94
C VAL B 146 13.83 -27.73 1.10
N THR B 147 13.28 -27.68 -0.12
CA THR B 147 13.54 -28.73 -1.10
C THR B 147 14.94 -28.53 -1.66
N ALA B 148 15.31 -29.37 -2.63
CA ALA B 148 16.48 -29.12 -3.45
C ALA B 148 16.10 -28.94 -4.91
N ASP B 149 14.82 -28.75 -5.20
CA ASP B 149 14.32 -28.62 -6.55
C ASP B 149 14.59 -27.23 -7.13
N LEU B 150 14.54 -27.17 -8.45
CA LEU B 150 14.54 -25.91 -9.16
C LEU B 150 13.51 -24.98 -8.54
N GLY B 151 13.99 -23.83 -8.03
CA GLY B 151 13.14 -22.87 -7.38
C GLY B 151 13.44 -22.69 -5.90
N THR B 152 14.26 -23.53 -5.31
CA THR B 152 14.40 -23.51 -3.86
C THR B 152 15.12 -22.25 -3.36
N LEU B 153 16.14 -21.78 -4.09
CA LEU B 153 16.90 -20.61 -3.63
C LEU B 153 16.01 -19.39 -3.51
N ASN B 154 15.14 -19.18 -4.48
CA ASN B 154 14.25 -18.04 -4.42
C ASN B 154 13.26 -18.17 -3.26
N HIS B 155 12.57 -19.32 -3.18
CA HIS B 155 11.67 -19.56 -2.06
C HIS B 155 12.41 -19.45 -0.73
N THR B 156 13.69 -19.81 -0.71
CA THR B 156 14.46 -19.75 0.52
C THR B 156 14.86 -18.32 0.86
N LYS B 157 15.38 -17.57 -0.12
CA LYS B 157 15.70 -16.17 0.15
C LYS B 157 14.48 -15.42 0.67
N LEU B 158 13.33 -15.60 0.00
CA LEU B 158 12.08 -14.94 0.41
C LEU B 158 11.71 -15.26 1.85
N THR B 159 11.86 -16.54 2.24
CA THR B 159 11.57 -16.96 3.61
C THR B 159 12.52 -16.33 4.61
N LEU B 160 13.81 -16.32 4.28
CA LEU B 160 14.81 -15.65 5.12
C LEU B 160 14.50 -14.16 5.27
N GLU B 161 14.33 -13.45 4.16
CA GLU B 161 13.97 -12.05 4.22
C GLU B 161 12.75 -11.81 5.09
N ALA B 162 11.73 -12.67 4.98
CA ALA B 162 10.59 -12.55 5.88
C ALA B 162 10.98 -12.76 7.33
N LEU B 163 11.94 -13.67 7.59
CA LEU B 163 12.38 -13.88 8.96
C LEU B 163 13.11 -12.65 9.49
N ALA B 164 14.11 -12.18 8.74
CA ALA B 164 14.87 -11.01 9.17
C ALA B 164 13.96 -9.80 9.34
N ALA B 165 12.96 -9.64 8.45
CA ALA B 165 12.07 -8.49 8.52
C ALA B 165 11.43 -8.30 9.88
N GLN B 166 11.37 -9.35 10.72
CA GLN B 166 10.80 -9.24 12.05
C GLN B 166 11.80 -9.62 13.14
N GLN B 167 13.10 -9.53 12.85
CA GLN B 167 14.15 -9.93 13.79
C GLN B 167 13.85 -11.30 14.41
N VAL B 168 13.33 -12.22 13.61
CA VAL B 168 13.34 -13.62 13.96
C VAL B 168 14.61 -14.23 13.40
N SER B 169 15.53 -14.59 14.30
CA SER B 169 16.77 -15.25 13.91
C SER B 169 16.48 -16.55 13.15
N CYS B 170 17.32 -16.84 12.14
CA CYS B 170 17.24 -18.10 11.42
C CYS B 170 18.27 -19.04 11.99
N ALA B 171 17.82 -20.14 12.60
CA ALA B 171 18.77 -21.13 13.11
C ALA B 171 19.40 -21.97 12.00
N GLY B 172 18.85 -21.93 10.78
CA GLY B 172 19.45 -22.63 9.67
C GLY B 172 18.50 -23.37 8.76
N LEU B 173 19.04 -24.06 7.75
CA LEU B 173 18.27 -24.82 6.78
C LEU B 173 18.45 -26.31 6.99
N VAL B 174 17.42 -27.07 6.63
CA VAL B 174 17.53 -28.51 6.40
C VAL B 174 16.82 -28.83 5.10
N ILE B 175 17.48 -29.60 4.24
CA ILE B 175 16.85 -30.13 3.05
C ILE B 175 16.01 -31.33 3.45
N GLY B 176 14.70 -31.24 3.21
CA GLY B 176 13.80 -32.25 3.73
C GLY B 176 13.88 -33.57 3.01
N SER B 177 14.23 -33.56 1.73
CA SER B 177 14.30 -34.78 0.93
C SER B 177 15.43 -34.63 -0.08
N TRP B 178 16.43 -35.50 0.04
CA TRP B 178 17.65 -35.49 -0.77
C TRP B 178 17.57 -36.65 -1.76
N PRO B 179 17.43 -36.38 -3.06
CA PRO B 179 17.18 -37.48 -4.01
C PRO B 179 18.38 -38.41 -4.18
N ASP B 180 18.08 -39.57 -4.73
CA ASP B 180 19.09 -40.58 -5.06
C ASP B 180 18.78 -41.12 -6.45
N PRO B 181 19.69 -40.97 -7.41
CA PRO B 181 20.93 -40.18 -7.25
C PRO B 181 20.63 -38.66 -7.22
N PRO B 182 21.54 -37.84 -6.63
CA PRO B 182 21.24 -36.41 -6.41
C PRO B 182 20.78 -35.65 -7.65
N GLY B 183 21.65 -35.48 -8.63
CA GLY B 183 21.24 -34.77 -9.83
C GLY B 183 21.87 -33.39 -9.95
N LEU B 184 22.10 -32.97 -11.19
CA LEU B 184 22.86 -31.73 -11.42
C LEU B 184 22.19 -30.54 -10.74
N VAL B 185 20.86 -30.48 -10.77
CA VAL B 185 20.17 -29.32 -10.21
C VAL B 185 20.14 -29.40 -8.69
N ALA B 186 19.89 -30.59 -8.13
CA ALA B 186 19.92 -30.76 -6.67
C ALA B 186 21.32 -30.52 -6.13
N ALA B 187 22.34 -31.06 -6.80
CA ALA B 187 23.71 -30.79 -6.38
C ALA B 187 24.02 -29.31 -6.45
N SER B 188 23.71 -28.68 -7.59
CA SER B 188 23.87 -27.24 -7.74
C SER B 188 23.15 -26.48 -6.64
N ASN B 189 21.89 -26.85 -6.38
CA ASN B 189 21.09 -26.13 -5.40
C ASN B 189 21.63 -26.30 -3.98
N ARG B 190 22.20 -27.48 -3.66
CA ARG B 190 22.73 -27.68 -2.31
C ARG B 190 23.99 -26.85 -2.08
N SER B 191 24.80 -26.67 -3.12
N SER B 191 24.80 -26.65 -3.11
CA SER B 191 26.00 -25.84 -2.98
CA SER B 191 26.00 -25.83 -2.95
C SER B 191 25.64 -24.40 -2.70
C SER B 191 25.64 -24.37 -2.71
N ALA B 192 24.66 -23.85 -3.45
CA ALA B 192 24.28 -22.45 -3.30
C ALA B 192 23.33 -22.22 -2.13
N LEU B 193 22.64 -23.26 -1.65
CA LEU B 193 21.90 -23.11 -0.40
C LEU B 193 22.85 -22.82 0.75
N ALA B 194 23.99 -23.51 0.80
CA ALA B 194 24.99 -23.31 1.86
C ALA B 194 25.68 -21.96 1.80
N ARG B 195 25.53 -21.22 0.70
CA ARG B 195 26.09 -19.87 0.68
C ARG B 195 25.17 -18.85 1.32
N ILE B 196 23.85 -19.10 1.33
CA ILE B 196 22.94 -18.14 1.96
C ILE B 196 22.61 -18.50 3.41
N ALA B 197 22.87 -19.73 3.83
CA ALA B 197 22.58 -20.11 5.21
C ALA B 197 23.26 -21.43 5.53
N MET B 198 23.41 -21.69 6.83
CA MET B 198 24.01 -22.93 7.29
C MET B 198 23.09 -24.11 7.02
N VAL B 199 23.63 -25.15 6.40
CA VAL B 199 22.87 -26.36 6.05
C VAL B 199 23.07 -27.37 7.18
N ARG B 200 22.11 -27.42 8.11
CA ARG B 200 22.23 -28.31 9.28
C ARG B 200 22.14 -29.77 8.89
N ALA B 201 21.28 -30.12 7.93
CA ALA B 201 21.08 -31.53 7.60
C ALA B 201 20.45 -31.69 6.22
N ALA B 202 20.63 -32.88 5.67
CA ALA B 202 20.00 -33.25 4.41
C ALA B 202 19.46 -34.66 4.61
N LEU B 203 18.11 -34.78 4.65
CA LEU B 203 17.58 -36.11 4.93
C LEU B 203 17.38 -36.88 3.63
N PRO B 204 17.85 -38.11 3.57
CA PRO B 204 17.60 -38.95 2.39
C PRO B 204 16.12 -39.01 2.06
N ALA B 205 15.82 -39.13 0.77
CA ALA B 205 14.45 -39.38 0.35
C ALA B 205 13.95 -40.67 0.97
N GLY B 206 12.64 -40.75 1.19
CA GLY B 206 12.01 -41.95 1.70
C GLY B 206 12.17 -42.21 3.18
N ALA B 207 12.86 -41.32 3.91
CA ALA B 207 13.21 -41.59 5.30
C ALA B 207 12.00 -41.67 6.22
N ALA B 208 10.86 -41.11 5.79
CA ALA B 208 9.68 -41.12 6.65
C ALA B 208 8.99 -42.47 6.69
N SER B 209 9.31 -43.37 5.75
CA SER B 209 8.82 -44.73 5.81
C SER B 209 9.67 -45.62 6.72
N LEU B 210 10.81 -45.13 7.21
CA LEU B 210 11.68 -45.94 8.04
C LEU B 210 10.96 -46.41 9.30
N ASP B 211 11.30 -47.62 9.75
CA ASP B 211 10.91 -47.96 11.11
C ASP B 211 11.71 -47.09 12.08
N ALA B 212 11.36 -47.19 13.37
CA ALA B 212 11.92 -46.23 14.32
C ALA B 212 13.40 -46.48 14.57
N GLY B 213 13.85 -47.72 14.41
CA GLY B 213 15.24 -48.04 14.70
C GLY B 213 16.19 -47.47 13.65
N ASP B 214 15.96 -47.82 12.38
CA ASP B 214 16.71 -47.19 11.30
C ASP B 214 16.60 -45.66 11.39
N PHE B 215 15.36 -45.16 11.55
CA PHE B 215 15.15 -43.72 11.54
C PHE B 215 16.05 -42.99 12.51
N ALA B 216 16.18 -43.52 13.72
CA ALA B 216 17.01 -42.83 14.70
C ALA B 216 18.48 -42.91 14.31
N ALA B 217 18.86 -43.95 13.57
CA ALA B 217 20.24 -44.04 13.11
C ALA B 217 20.52 -43.00 12.03
N MET B 218 19.67 -42.97 11.01
CA MET B 218 19.70 -41.89 10.03
C MET B 218 19.76 -40.54 10.71
N SER B 219 18.97 -40.34 11.76
CA SER B 219 18.88 -39.05 12.42
C SER B 219 20.17 -38.71 13.17
N ALA B 220 20.81 -39.72 13.74
CA ALA B 220 22.10 -39.48 14.37
C ALA B 220 23.14 -39.06 13.33
N ALA B 221 23.05 -39.62 12.12
CA ALA B 221 24.02 -39.30 11.08
C ALA B 221 23.69 -37.98 10.40
N ALA B 222 22.42 -37.62 10.36
CA ALA B 222 22.00 -36.49 9.54
C ALA B 222 22.44 -35.16 10.13
N PHE B 223 22.65 -35.08 11.43
CA PHE B 223 22.93 -33.79 12.04
C PHE B 223 24.37 -33.74 12.55
N ASP B 224 24.82 -32.51 12.82
CA ASP B 224 26.08 -32.31 13.51
C ASP B 224 25.85 -32.47 15.01
N ARG B 225 26.54 -33.43 15.61
CA ARG B 225 26.32 -33.72 17.03
C ARG B 225 26.73 -32.54 17.90
N ASN B 226 27.73 -31.76 17.47
CA ASN B 226 28.12 -30.61 18.29
C ASN B 226 27.08 -29.52 18.25
N TRP B 227 26.44 -29.33 17.09
CA TRP B 227 25.40 -28.31 16.98
C TRP B 227 24.16 -28.72 17.77
N VAL B 228 23.65 -29.93 17.53
CA VAL B 228 22.48 -30.42 18.26
C VAL B 228 22.67 -30.24 19.76
N ALA B 229 23.74 -30.84 20.30
CA ALA B 229 24.01 -30.73 21.73
C ALA B 229 24.06 -29.28 22.20
N GLY B 230 24.56 -28.38 21.36
CA GLY B 230 24.62 -26.99 21.73
C GLY B 230 23.30 -26.26 21.70
N LEU B 231 22.23 -26.91 21.26
CA LEU B 231 20.95 -26.23 21.21
C LEU B 231 20.39 -25.94 22.59
N VAL B 232 20.66 -26.82 23.55
CA VAL B 232 20.18 -26.61 24.91
C VAL B 232 21.35 -26.56 25.88
N HIS C 6 -23.37 -10.49 -3.08
CA HIS C 6 -23.29 -11.00 -1.71
C HIS C 6 -23.46 -9.88 -0.69
N GLY C 7 -23.81 -10.24 0.54
CA GLY C 7 -23.88 -9.27 1.64
C GLY C 7 -24.93 -8.20 1.40
N GLY C 8 -24.67 -7.00 1.92
CA GLY C 8 -25.53 -5.85 1.77
C GLY C 8 -24.76 -4.62 1.30
N THR C 9 -25.13 -3.47 1.87
CA THR C 9 -24.66 -2.17 1.41
C THR C 9 -23.65 -1.58 2.39
N ILE C 10 -22.45 -1.33 1.90
CA ILE C 10 -21.35 -0.80 2.68
C ILE C 10 -21.07 0.63 2.23
N LEU C 11 -20.93 1.53 3.20
CA LEU C 11 -20.92 2.95 2.89
C LEU C 11 -19.90 3.61 3.81
N VAL C 12 -18.69 3.86 3.30
CA VAL C 12 -17.67 4.52 4.09
C VAL C 12 -18.05 5.98 4.27
N VAL C 13 -17.77 6.51 5.45
CA VAL C 13 -18.08 7.90 5.80
C VAL C 13 -16.76 8.57 6.11
N THR C 14 -16.21 9.31 5.15
CA THR C 14 -14.94 10.01 5.30
C THR C 14 -15.20 11.50 5.50
N GLY C 15 -14.13 12.28 5.50
CA GLY C 15 -14.27 13.72 5.66
C GLY C 15 -13.12 14.46 5.02
N THR C 16 -13.35 15.74 4.82
CA THR C 16 -12.31 16.60 4.27
C THR C 16 -11.21 16.92 5.27
N GLY C 17 -11.26 16.35 6.46
CA GLY C 17 -10.27 16.67 7.47
C GLY C 17 -10.73 16.24 8.84
N THR C 18 -9.87 16.52 9.81
CA THR C 18 -10.18 16.25 11.21
C THR C 18 -11.28 17.16 11.71
N GLY C 19 -12.05 16.64 12.66
CA GLY C 19 -13.00 17.47 13.36
C GLY C 19 -13.97 18.17 12.46
N VAL C 20 -14.57 17.44 11.53
CA VAL C 20 -15.59 17.97 10.63
C VAL C 20 -16.94 17.33 10.85
N GLY C 21 -17.03 16.33 11.72
CA GLY C 21 -18.32 15.78 12.09
C GLY C 21 -18.62 14.41 11.56
N LYS C 22 -17.60 13.62 11.22
CA LYS C 22 -17.81 12.25 10.75
C LYS C 22 -18.64 11.45 11.74
N THR C 23 -18.28 11.54 13.03
CA THR C 23 -18.93 10.75 14.07
C THR C 23 -20.38 11.17 14.25
N VAL C 24 -20.62 12.49 14.31
CA VAL C 24 -21.98 12.97 14.43
C VAL C 24 -22.79 12.59 13.20
N VAL C 25 -22.15 12.49 12.04
CA VAL C 25 -22.87 12.17 10.81
C VAL C 25 -23.19 10.69 10.75
N CYS C 26 -22.27 9.81 11.16
CA CYS C 26 -22.62 8.39 11.26
C CYS C 26 -23.81 8.20 12.19
N ALA C 27 -23.82 8.88 13.33
CA ALA C 27 -24.95 8.82 14.23
C ALA C 27 -26.22 9.19 13.50
N ALA C 28 -26.26 10.40 12.93
CA ALA C 28 -27.50 10.92 12.36
C ALA C 28 -27.99 10.04 11.22
N LEU C 29 -27.08 9.57 10.35
CA LEU C 29 -27.50 8.69 9.26
C LEU C 29 -28.01 7.36 9.81
N ALA C 30 -27.32 6.78 10.79
CA ALA C 30 -27.76 5.52 11.37
C ALA C 30 -29.15 5.65 11.99
N SER C 31 -29.36 6.69 12.80
CA SER C 31 -30.67 6.92 13.40
C SER C 31 -31.74 7.07 12.33
N ALA C 32 -31.40 7.71 11.20
CA ALA C 32 -32.36 7.92 10.14
C ALA C 32 -32.73 6.61 9.47
N ALA C 33 -31.75 5.72 9.29
CA ALA C 33 -32.00 4.43 8.67
C ALA C 33 -32.67 3.46 9.64
N ARG C 34 -32.39 3.60 10.94
CA ARG C 34 -33.13 2.81 11.91
C ARG C 34 -34.61 3.16 11.88
N GLN C 35 -34.92 4.46 11.77
CA GLN C 35 -36.30 4.93 11.79
C GLN C 35 -37.05 4.53 10.52
N ALA C 36 -36.36 4.42 9.39
CA ALA C 36 -36.97 3.87 8.19
C ALA C 36 -37.01 2.34 8.21
N GLY C 37 -36.54 1.73 9.30
CA GLY C 37 -36.60 0.29 9.44
C GLY C 37 -35.47 -0.48 8.83
N ILE C 38 -34.28 0.10 8.76
CA ILE C 38 -33.13 -0.54 8.12
C ILE C 38 -32.16 -0.99 9.19
N ASP C 39 -31.57 -2.17 8.98
CA ASP C 39 -30.58 -2.71 9.89
C ASP C 39 -29.26 -1.97 9.69
N VAL C 40 -28.73 -1.38 10.76
CA VAL C 40 -27.55 -0.52 10.70
C VAL C 40 -26.49 -1.05 11.66
N ALA C 41 -25.28 -1.22 11.14
CA ALA C 41 -24.08 -1.48 11.94
C ALA C 41 -23.05 -0.40 11.66
N VAL C 42 -22.37 0.07 12.70
CA VAL C 42 -21.34 1.09 12.55
C VAL C 42 -20.00 0.50 12.98
N CYS C 43 -19.01 0.66 12.11
CA CYS C 43 -17.67 0.12 12.28
C CYS C 43 -16.67 1.26 12.33
N LYS C 44 -15.54 0.99 12.98
CA LYS C 44 -14.50 2.00 13.18
C LYS C 44 -13.17 1.29 13.29
N PRO C 45 -12.58 0.90 12.15
CA PRO C 45 -11.41 0.01 12.19
C PRO C 45 -10.23 0.60 12.91
N VAL C 46 -10.15 1.93 13.00
CA VAL C 46 -9.05 2.62 13.67
C VAL C 46 -9.62 3.77 14.49
N GLN C 47 -9.41 3.72 15.81
CA GLN C 47 -9.67 4.81 16.73
C GLN C 47 -8.36 5.22 17.38
N THR C 48 -8.10 6.52 17.44
CA THR C 48 -7.06 7.09 18.28
C THR C 48 -7.70 8.08 19.24
N GLY C 49 -6.85 8.74 20.02
CA GLY C 49 -7.33 9.70 21.00
C GLY C 49 -8.00 9.10 22.21
N THR C 50 -7.72 7.83 22.55
CA THR C 50 -8.29 7.28 23.78
C THR C 50 -7.83 8.11 24.99
N ALA C 51 -6.54 8.47 25.03
CA ALA C 51 -5.98 9.24 26.15
C ALA C 51 -6.80 10.48 26.47
N ARG C 52 -7.54 10.99 25.49
CA ARG C 52 -8.32 12.20 25.58
C ARG C 52 -9.76 11.91 25.94
N GLY C 53 -10.22 10.68 25.73
CA GLY C 53 -11.57 10.27 26.01
C GLY C 53 -12.40 9.94 24.78
N ASP C 54 -11.77 9.87 23.60
CA ASP C 54 -12.45 9.62 22.35
C ASP C 54 -12.85 8.16 22.25
N ASP C 55 -14.15 7.91 22.15
CA ASP C 55 -14.64 6.61 21.66
C ASP C 55 -15.81 6.92 20.75
N ASP C 56 -15.55 6.88 19.44
CA ASP C 56 -16.56 7.28 18.46
C ASP C 56 -17.69 6.24 18.40
N LEU C 57 -17.34 4.95 18.42
CA LEU C 57 -18.35 3.91 18.46
C LEU C 57 -19.26 4.09 19.66
N ALA C 58 -18.67 4.35 20.83
CA ALA C 58 -19.48 4.73 21.99
C ALA C 58 -20.43 5.86 21.63
N GLU C 59 -19.90 6.93 21.00
CA GLU C 59 -20.69 8.14 20.80
C GLU C 59 -21.86 7.89 19.86
N VAL C 60 -21.67 7.03 18.87
CA VAL C 60 -22.79 6.67 17.98
C VAL C 60 -23.86 5.87 18.74
N GLY C 61 -23.43 4.84 19.48
CA GLY C 61 -24.37 4.10 20.29
C GLY C 61 -25.12 4.97 21.26
N ARG C 62 -24.41 5.88 21.94
CA ARG C 62 -25.09 6.82 22.82
C ARG C 62 -26.06 7.71 22.06
N LEU C 63 -25.71 8.09 20.84
CA LEU C 63 -26.44 9.14 20.13
C LEU C 63 -27.64 8.62 19.36
N ALA C 64 -27.53 7.43 18.76
CA ALA C 64 -28.60 6.88 17.96
C ALA C 64 -29.08 5.51 18.42
N GLY C 65 -28.59 5.00 19.55
CA GLY C 65 -29.04 3.70 20.01
C GLY C 65 -28.55 2.53 19.20
N VAL C 66 -27.43 2.67 18.50
CA VAL C 66 -26.90 1.57 17.69
C VAL C 66 -26.14 0.62 18.60
N THR C 67 -26.38 -0.68 18.43
CA THR C 67 -25.71 -1.68 19.22
C THR C 67 -24.81 -2.60 18.40
N GLN C 68 -24.99 -2.65 17.09
CA GLN C 68 -24.05 -3.34 16.22
C GLN C 68 -22.91 -2.37 15.92
N LEU C 69 -21.96 -2.33 16.86
CA LEU C 69 -20.77 -1.50 16.80
C LEU C 69 -19.54 -2.41 16.82
N ALA C 70 -18.49 -2.04 16.09
CA ALA C 70 -17.35 -2.94 15.95
C ALA C 70 -16.06 -2.16 15.71
N GLY C 71 -15.02 -2.50 16.48
CA GLY C 71 -13.73 -1.84 16.39
C GLY C 71 -12.62 -2.84 16.10
N LEU C 72 -11.38 -2.32 16.02
CA LEU C 72 -10.25 -3.19 15.72
C LEU C 72 -8.94 -2.70 16.32
N ALA C 73 -8.54 -1.48 15.99
CA ALA C 73 -7.30 -0.92 16.49
C ALA C 73 -7.61 0.32 17.32
N ARG C 74 -6.95 0.46 18.46
CA ARG C 74 -7.14 1.64 19.31
C ARG C 74 -5.80 2.06 19.90
N TYR C 75 -5.57 3.36 19.92
CA TYR C 75 -4.31 3.98 20.29
C TYR C 75 -4.61 5.21 21.14
N PRO C 76 -3.72 5.58 22.05
CA PRO C 76 -4.06 6.60 23.05
C PRO C 76 -3.97 8.05 22.57
N GLN C 77 -2.87 8.41 21.91
CA GLN C 77 -2.64 9.82 21.61
C GLN C 77 -3.52 10.28 20.45
N PRO C 78 -4.13 11.47 20.56
CA PRO C 78 -5.06 11.97 19.54
C PRO C 78 -4.32 12.50 18.31
N MET C 79 -3.54 11.62 17.70
CA MET C 79 -2.73 11.86 16.51
C MET C 79 -3.23 10.99 15.37
N ALA C 80 -2.59 11.13 14.22
CA ALA C 80 -2.88 10.22 13.12
C ALA C 80 -2.46 8.81 13.51
N PRO C 81 -3.08 7.77 12.92
CA PRO C 81 -2.86 6.39 13.38
C PRO C 81 -1.41 5.96 13.51
N ALA C 82 -0.64 6.00 12.43
CA ALA C 82 0.76 5.56 12.47
C ALA C 82 1.56 6.31 13.52
N ALA C 83 1.23 7.59 13.75
CA ALA C 83 1.90 8.36 14.78
C ALA C 83 1.49 7.89 16.16
N ALA C 84 0.20 7.63 16.37
CA ALA C 84 -0.25 7.13 17.65
C ALA C 84 0.30 5.73 17.91
N ALA C 85 0.45 4.92 16.86
CA ALA C 85 0.97 3.56 17.03
C ALA C 85 2.44 3.59 17.47
N GLU C 86 3.27 4.39 16.79
CA GLU C 86 4.67 4.45 17.16
C GLU C 86 4.83 4.92 18.61
N HIS C 87 4.15 6.00 18.98
CA HIS C 87 4.18 6.50 20.34
C HIS C 87 3.79 5.43 21.35
N ALA C 88 2.97 4.45 20.93
CA ALA C 88 2.52 3.37 21.78
C ALA C 88 3.24 2.06 21.52
N GLY C 89 4.24 2.06 20.64
CA GLY C 89 5.04 0.87 20.40
C GLY C 89 4.31 -0.27 19.72
N MET C 90 3.09 -0.05 19.26
CA MET C 90 2.35 -1.05 18.52
C MET C 90 2.58 -0.88 17.04
N ALA C 91 1.79 -1.58 16.22
CA ALA C 91 1.84 -1.47 14.77
C ALA C 91 0.46 -1.09 14.23
N LEU C 92 0.36 -1.04 12.95
CA LEU C 92 -0.93 -0.75 12.37
C LEU C 92 -1.66 -2.03 12.02
N PRO C 93 -2.99 -2.02 12.00
CA PRO C 93 -3.72 -3.20 11.55
C PRO C 93 -3.33 -3.57 10.14
N ALA C 94 -3.42 -4.86 9.84
CA ALA C 94 -3.14 -5.29 8.48
C ALA C 94 -4.33 -4.97 7.60
N ARG C 95 -4.03 -4.70 6.33
CA ARG C 95 -5.07 -4.37 5.37
C ARG C 95 -6.23 -5.37 5.46
N ASP C 96 -5.94 -6.65 5.34
CA ASP C 96 -7.02 -7.64 5.31
C ASP C 96 -7.69 -7.82 6.66
N GLN C 97 -7.02 -7.47 7.76
CA GLN C 97 -7.72 -7.44 9.05
C GLN C 97 -8.86 -6.44 9.02
N ILE C 98 -8.62 -5.27 8.42
CA ILE C 98 -9.64 -4.24 8.34
C ILE C 98 -10.77 -4.70 7.43
N VAL C 99 -10.41 -5.24 6.28
CA VAL C 99 -11.43 -5.70 5.33
C VAL C 99 -12.23 -6.85 5.94
N ARG C 100 -11.52 -7.84 6.52
CA ARG C 100 -12.22 -8.99 7.12
C ARG C 100 -13.29 -8.54 8.09
N LEU C 101 -12.96 -7.58 8.96
CA LEU C 101 -13.92 -7.05 9.91
C LEU C 101 -15.14 -6.50 9.20
N ILE C 102 -14.93 -5.71 8.14
CA ILE C 102 -16.07 -5.13 7.41
C ILE C 102 -16.91 -6.23 6.79
N ALA C 103 -16.25 -7.19 6.10
CA ALA C 103 -16.96 -8.27 5.44
C ALA C 103 -17.79 -9.07 6.42
N ASP C 104 -17.25 -9.32 7.62
CA ASP C 104 -18.00 -10.05 8.63
C ASP C 104 -19.31 -9.36 8.95
N LEU C 105 -19.28 -8.03 9.09
CA LEU C 105 -20.49 -7.27 9.40
C LEU C 105 -21.53 -7.30 8.28
N ASP C 106 -21.10 -7.54 7.04
CA ASP C 106 -21.94 -7.25 5.88
C ASP C 106 -22.92 -8.39 5.64
N ARG C 107 -24.19 -8.13 5.87
N ARG C 107 -24.20 -8.13 5.89
CA ARG C 107 -25.26 -9.10 5.63
CA ARG C 107 -25.24 -9.11 5.61
C ARG C 107 -26.34 -8.44 4.80
C ARG C 107 -26.38 -8.45 4.85
N PRO C 108 -27.11 -9.23 4.04
CA PRO C 108 -28.14 -8.63 3.17
C PRO C 108 -29.18 -7.80 3.91
N GLY C 109 -29.51 -6.66 3.34
CA GLY C 109 -30.42 -5.74 3.98
C GLY C 109 -29.81 -4.88 5.06
N ARG C 110 -28.51 -4.97 5.29
CA ARG C 110 -27.83 -4.16 6.30
C ARG C 110 -27.12 -2.98 5.64
N LEU C 111 -27.23 -1.83 6.27
CA LEU C 111 -26.39 -0.69 5.95
C LEU C 111 -25.26 -0.68 6.97
N THR C 112 -24.04 -0.91 6.49
CA THR C 112 -22.83 -0.85 7.29
C THR C 112 -22.08 0.45 6.99
N LEU C 113 -22.03 1.34 7.96
CA LEU C 113 -21.23 2.56 7.88
C LEU C 113 -19.90 2.30 8.54
N VAL C 114 -18.82 2.61 7.85
CA VAL C 114 -17.48 2.39 8.33
C VAL C 114 -16.79 3.74 8.38
N GLU C 115 -16.48 4.20 9.60
CA GLU C 115 -16.03 5.56 9.86
C GLU C 115 -14.50 5.63 9.89
N GLY C 116 -13.95 6.51 9.05
CA GLY C 116 -12.51 6.65 8.95
C GLY C 116 -11.93 7.43 10.12
N ALA C 117 -10.67 7.79 9.97
CA ALA C 117 -9.96 8.54 10.99
C ALA C 117 -9.24 9.71 10.32
N GLY C 118 -9.82 10.90 10.42
CA GLY C 118 -9.30 12.07 9.73
C GLY C 118 -9.80 12.11 8.32
N GLY C 119 -8.91 12.40 7.37
CA GLY C 119 -9.28 12.55 5.98
C GLY C 119 -9.07 11.27 5.17
N LEU C 120 -9.49 11.35 3.91
CA LEU C 120 -9.52 10.20 3.01
C LEU C 120 -8.16 9.51 2.92
N LEU C 121 -7.09 10.27 2.72
CA LEU C 121 -5.83 9.65 2.41
C LEU C 121 -4.97 9.41 3.66
N VAL C 122 -5.59 9.47 4.84
CA VAL C 122 -4.91 9.18 6.09
C VAL C 122 -4.55 7.71 6.17
N GLU C 123 -3.28 7.40 6.41
CA GLU C 123 -2.83 6.00 6.41
C GLU C 123 -3.43 5.22 7.59
N LEU C 124 -4.13 4.12 7.28
CA LEU C 124 -4.67 3.23 8.30
C LEU C 124 -3.91 1.92 8.44
N ALA C 125 -3.24 1.45 7.39
CA ALA C 125 -2.50 0.19 7.42
C ALA C 125 -1.22 0.33 6.59
N GLU C 126 -0.14 -0.25 7.08
N GLU C 126 -0.15 -0.28 7.08
CA GLU C 126 1.10 -0.25 6.33
CA GLU C 126 1.10 -0.29 6.33
C GLU C 126 0.97 -1.15 5.10
C GLU C 126 0.96 -1.16 5.09
N PRO C 127 1.48 -0.72 3.93
CA PRO C 127 2.20 0.53 3.72
C PRO C 127 1.37 1.57 2.98
N GLY C 128 1.02 2.65 3.67
CA GLY C 128 0.20 3.68 3.07
C GLY C 128 -1.11 3.18 2.49
N VAL C 129 -1.84 2.37 3.26
CA VAL C 129 -3.15 1.87 2.84
C VAL C 129 -4.22 2.72 3.53
N THR C 130 -5.21 3.16 2.76
CA THR C 130 -6.11 4.23 3.15
C THR C 130 -7.58 3.79 3.12
N LEU C 131 -8.44 4.59 3.77
CA LEU C 131 -9.88 4.36 3.65
C LEU C 131 -10.34 4.34 2.19
N ARG C 132 -9.60 4.97 1.30
CA ARG C 132 -9.96 4.87 -0.10
C ARG C 132 -9.70 3.46 -0.62
N ASP C 133 -8.50 2.94 -0.34
CA ASP C 133 -8.15 1.58 -0.74
C ASP C 133 -9.16 0.57 -0.20
N VAL C 134 -9.59 0.76 1.05
CA VAL C 134 -10.51 -0.16 1.71
C VAL C 134 -11.86 -0.16 1.02
N ALA C 135 -12.35 1.03 0.67
CA ALA C 135 -13.64 1.15 -0.01
C ALA C 135 -13.62 0.47 -1.37
N VAL C 136 -12.51 0.55 -2.10
CA VAL C 136 -12.39 -0.25 -3.32
C VAL C 136 -12.57 -1.72 -2.99
N ASP C 137 -11.75 -2.25 -2.08
CA ASP C 137 -11.81 -3.67 -1.71
C ASP C 137 -13.24 -4.15 -1.51
N VAL C 138 -14.05 -3.42 -0.75
CA VAL C 138 -15.38 -3.91 -0.36
C VAL C 138 -16.49 -3.32 -1.23
N ALA C 139 -16.13 -2.66 -2.33
CA ALA C 139 -17.11 -2.07 -3.24
C ALA C 139 -18.10 -1.18 -2.49
N ALA C 140 -17.53 -0.25 -1.71
CA ALA C 140 -18.32 0.73 -0.97
C ALA C 140 -18.27 2.08 -1.69
N ALA C 141 -19.41 2.75 -1.72
CA ALA C 141 -19.47 4.17 -2.03
C ALA C 141 -19.00 4.98 -0.81
N ALA C 142 -18.58 6.22 -1.05
CA ALA C 142 -17.97 7.03 0.00
C ALA C 142 -18.83 8.27 0.24
N LEU C 143 -19.31 8.43 1.48
CA LEU C 143 -19.98 9.64 1.93
C LEU C 143 -18.95 10.58 2.55
N VAL C 144 -19.02 11.86 2.20
CA VAL C 144 -17.95 12.80 2.51
C VAL C 144 -18.49 13.87 3.45
N VAL C 145 -17.90 13.97 4.63
CA VAL C 145 -18.35 14.96 5.60
C VAL C 145 -17.50 16.22 5.46
N VAL C 146 -18.16 17.36 5.24
CA VAL C 146 -17.48 18.60 4.92
C VAL C 146 -17.98 19.70 5.87
N THR C 147 -17.17 20.73 6.01
CA THR C 147 -17.54 21.93 6.76
C THR C 147 -18.16 22.96 5.85
N ALA C 148 -18.78 23.96 6.48
CA ALA C 148 -19.28 25.14 5.77
C ALA C 148 -18.35 26.33 5.94
N ASP C 149 -17.08 26.08 6.26
CA ASP C 149 -16.14 27.13 6.59
C ASP C 149 -15.28 27.48 5.39
N LEU C 150 -14.57 28.61 5.52
CA LEU C 150 -13.66 29.04 4.47
C LEU C 150 -12.69 27.93 4.13
N GLY C 151 -12.49 27.70 2.84
CA GLY C 151 -11.62 26.64 2.39
C GLY C 151 -12.25 25.28 2.22
N THR C 152 -13.57 25.15 2.44
CA THR C 152 -14.19 23.85 2.33
C THR C 152 -14.31 23.37 0.88
N LEU C 153 -14.35 24.30 -0.10
CA LEU C 153 -14.58 23.92 -1.48
C LEU C 153 -13.34 23.27 -2.09
N ASN C 154 -12.19 23.91 -1.92
CA ASN C 154 -10.94 23.28 -2.33
C ASN C 154 -10.79 21.89 -1.70
N HIS C 155 -10.93 21.80 -0.36
CA HIS C 155 -10.82 20.52 0.33
C HIS C 155 -11.86 19.51 -0.17
N THR C 156 -13.09 19.97 -0.43
CA THR C 156 -14.09 19.05 -0.95
C THR C 156 -13.75 18.61 -2.37
N LYS C 157 -13.42 19.57 -3.25
CA LYS C 157 -13.06 19.24 -4.63
C LYS C 157 -11.88 18.30 -4.67
N LEU C 158 -10.94 18.47 -3.76
CA LEU C 158 -9.79 17.58 -3.73
C LEU C 158 -10.20 16.20 -3.28
N THR C 159 -11.08 16.11 -2.28
CA THR C 159 -11.50 14.79 -1.83
C THR C 159 -12.29 14.09 -2.95
N LEU C 160 -13.21 14.83 -3.58
CA LEU C 160 -13.97 14.21 -4.66
C LEU C 160 -13.06 13.84 -5.82
N GLU C 161 -12.04 14.65 -6.09
CA GLU C 161 -11.13 14.25 -7.15
C GLU C 161 -10.37 12.96 -6.81
N ALA C 162 -10.00 12.77 -5.54
CA ALA C 162 -9.32 11.53 -5.22
C ALA C 162 -10.27 10.34 -5.17
N LEU C 163 -11.53 10.53 -4.80
CA LEU C 163 -12.50 9.44 -4.87
C LEU C 163 -12.62 8.91 -6.29
N ALA C 164 -12.87 9.82 -7.24
CA ALA C 164 -13.09 9.41 -8.61
C ALA C 164 -11.83 8.81 -9.24
N ALA C 165 -10.65 9.19 -8.76
CA ALA C 165 -9.43 8.73 -9.40
C ALA C 165 -9.25 7.22 -9.28
N GLN C 166 -9.91 6.59 -8.31
CA GLN C 166 -9.92 5.15 -8.16
C GLN C 166 -11.35 4.60 -8.26
N GLN C 167 -12.20 5.28 -9.03
CA GLN C 167 -13.57 4.83 -9.30
C GLN C 167 -14.29 4.43 -8.01
N VAL C 168 -14.16 5.25 -6.98
CA VAL C 168 -14.95 5.11 -5.77
C VAL C 168 -16.11 6.10 -5.86
N SER C 169 -17.32 5.58 -5.91
CA SER C 169 -18.49 6.40 -6.09
C SER C 169 -18.68 7.32 -4.90
N CYS C 170 -19.11 8.55 -5.16
CA CYS C 170 -19.46 9.49 -4.10
C CYS C 170 -20.95 9.36 -3.83
N ALA C 171 -21.28 9.11 -2.57
CA ALA C 171 -22.66 8.91 -2.17
C ALA C 171 -23.32 10.22 -1.79
N GLY C 172 -22.55 11.29 -1.72
CA GLY C 172 -23.06 12.60 -1.34
C GLY C 172 -22.14 13.27 -0.35
N LEU C 173 -22.45 14.52 -0.07
CA LEU C 173 -21.81 15.25 1.01
C LEU C 173 -22.82 15.48 2.12
N VAL C 174 -22.30 15.64 3.34
CA VAL C 174 -23.05 16.12 4.49
C VAL C 174 -22.22 17.21 5.16
N ILE C 175 -22.84 18.35 5.43
CA ILE C 175 -22.20 19.37 6.25
C ILE C 175 -22.38 19.00 7.71
N GLY C 176 -21.26 18.72 8.39
CA GLY C 176 -21.29 18.17 9.74
C GLY C 176 -21.86 19.09 10.80
N SER C 177 -21.90 20.39 10.53
CA SER C 177 -22.26 21.38 11.53
C SER C 177 -22.69 22.62 10.78
N TRP C 178 -23.95 23.00 10.93
CA TRP C 178 -24.49 24.09 10.16
C TRP C 178 -24.88 25.20 11.11
N PRO C 179 -24.41 26.42 10.87
CA PRO C 179 -24.74 27.53 11.77
C PRO C 179 -26.12 28.13 11.51
N ASP C 180 -26.73 28.62 12.59
CA ASP C 180 -27.98 29.32 12.44
C ASP C 180 -28.04 30.53 13.37
N PRO C 181 -28.07 31.76 12.83
CA PRO C 181 -28.15 32.09 11.40
C PRO C 181 -26.88 31.81 10.60
N PRO C 182 -27.01 31.47 9.33
CA PRO C 182 -25.85 31.13 8.51
C PRO C 182 -25.20 32.37 7.89
N GLY C 183 -23.91 32.55 8.14
CA GLY C 183 -23.19 33.73 7.71
C GLY C 183 -23.05 33.83 6.19
N LEU C 184 -22.35 34.89 5.77
CA LEU C 184 -22.11 35.10 4.35
C LEU C 184 -21.32 33.93 3.76
N VAL C 185 -20.20 33.58 4.37
CA VAL C 185 -19.35 32.52 3.83
C VAL C 185 -20.07 31.18 3.89
N ALA C 186 -20.78 30.91 5.00
CA ALA C 186 -21.51 29.66 5.11
C ALA C 186 -22.53 29.52 3.99
N ALA C 187 -23.36 30.53 3.80
CA ALA C 187 -24.39 30.43 2.77
C ALA C 187 -23.77 30.14 1.42
N SER C 188 -22.82 30.98 1.00
CA SER C 188 -22.25 30.86 -0.34
C SER C 188 -21.51 29.54 -0.52
N ASN C 189 -20.79 29.08 0.50
CA ASN C 189 -20.13 27.78 0.42
C ASN C 189 -21.14 26.65 0.25
N ARG C 190 -22.25 26.69 0.98
CA ARG C 190 -23.30 25.69 0.79
C ARG C 190 -23.79 25.67 -0.64
N SER C 191 -24.28 26.82 -1.12
CA SER C 191 -24.78 26.91 -2.49
C SER C 191 -23.73 26.42 -3.48
N ALA C 192 -22.46 26.68 -3.18
CA ALA C 192 -21.37 26.18 -4.00
C ALA C 192 -21.20 24.69 -3.86
N LEU C 193 -21.50 24.12 -2.70
CA LEU C 193 -21.23 22.69 -2.53
C LEU C 193 -22.29 21.85 -3.23
N ALA C 194 -23.55 22.28 -3.17
CA ALA C 194 -24.61 21.59 -3.91
C ALA C 194 -24.41 21.68 -5.41
N ARG C 195 -23.67 22.66 -5.89
CA ARG C 195 -23.27 22.63 -7.28
C ARG C 195 -22.14 21.65 -7.56
N ILE C 196 -21.45 21.15 -6.53
CA ILE C 196 -20.37 20.18 -6.74
C ILE C 196 -20.87 18.75 -6.60
N ALA C 197 -21.69 18.50 -5.58
CA ALA C 197 -22.27 17.20 -5.28
C ALA C 197 -23.61 17.41 -4.59
N MET C 198 -24.44 16.37 -4.59
CA MET C 198 -25.67 16.39 -3.80
C MET C 198 -25.35 16.51 -2.32
N VAL C 199 -26.05 17.43 -1.64
CA VAL C 199 -25.84 17.66 -0.21
C VAL C 199 -26.96 16.95 0.55
N ARG C 200 -26.60 15.83 1.18
CA ARG C 200 -27.62 14.93 1.71
C ARG C 200 -28.28 15.52 2.95
N ALA C 201 -27.51 16.22 3.77
CA ALA C 201 -28.05 16.80 4.99
C ALA C 201 -27.10 17.87 5.50
N ALA C 202 -27.62 18.75 6.35
CA ALA C 202 -26.87 19.83 6.96
C ALA C 202 -27.21 19.81 8.45
N LEU C 203 -26.43 19.06 9.20
CA LEU C 203 -26.71 18.84 10.62
C LEU C 203 -26.64 20.15 11.40
N PRO C 204 -27.69 20.56 12.10
CA PRO C 204 -27.59 21.78 12.91
C PRO C 204 -26.42 21.67 13.87
N ALA C 205 -25.76 22.79 14.11
CA ALA C 205 -24.60 22.80 14.99
C ALA C 205 -25.03 22.43 16.41
N GLY C 206 -24.08 21.91 17.17
CA GLY C 206 -24.40 21.41 18.49
C GLY C 206 -25.37 20.26 18.46
N ALA C 207 -25.21 19.37 17.49
CA ALA C 207 -26.10 18.22 17.41
C ALA C 207 -25.66 17.10 18.31
N ALA C 208 -24.40 17.11 18.76
CA ALA C 208 -23.85 16.02 19.56
C ALA C 208 -24.08 16.20 21.05
N SER C 209 -24.80 17.25 21.46
CA SER C 209 -25.28 17.37 22.82
C SER C 209 -26.79 17.21 22.91
N LEU C 210 -27.40 16.65 21.87
CA LEU C 210 -28.85 16.52 21.81
C LEU C 210 -29.33 15.30 22.58
N ASP C 211 -30.52 15.42 23.14
CA ASP C 211 -31.18 14.26 23.72
C ASP C 211 -31.36 13.20 22.64
N ALA C 212 -31.23 11.93 23.03
CA ALA C 212 -31.42 10.84 22.08
C ALA C 212 -32.76 10.95 21.38
N GLY C 213 -33.79 11.38 22.10
CA GLY C 213 -35.09 11.60 21.47
C GLY C 213 -35.06 12.76 20.50
N ASP C 214 -34.56 13.92 20.95
CA ASP C 214 -34.41 15.07 20.07
C ASP C 214 -33.43 14.80 18.95
N PHE C 215 -32.41 13.97 19.20
CA PHE C 215 -31.50 13.57 18.14
C PHE C 215 -32.24 12.85 17.02
N ALA C 216 -33.09 11.88 17.38
CA ALA C 216 -33.78 11.06 16.37
C ALA C 216 -34.73 11.89 15.52
N ALA C 217 -35.35 12.92 16.10
CA ALA C 217 -36.17 13.82 15.30
C ALA C 217 -35.31 14.59 14.32
N MET C 218 -34.26 15.24 14.82
CA MET C 218 -33.33 15.95 13.95
C MET C 218 -32.81 15.04 12.86
N SER C 219 -32.37 13.83 13.24
CA SER C 219 -31.83 12.89 12.28
C SER C 219 -32.84 12.57 11.19
N ALA C 220 -34.10 12.39 11.56
CA ALA C 220 -35.13 12.12 10.55
C ALA C 220 -35.37 13.34 9.68
N ALA C 221 -35.44 14.53 10.30
CA ALA C 221 -35.61 15.75 9.53
C ALA C 221 -34.43 16.01 8.61
N ALA C 222 -33.24 15.52 8.95
CA ALA C 222 -32.02 15.94 8.25
C ALA C 222 -31.94 15.33 6.86
N PHE C 223 -32.52 14.15 6.67
CA PHE C 223 -32.31 13.39 5.44
C PHE C 223 -33.61 13.23 4.67
N ASP C 224 -33.44 13.00 3.37
CA ASP C 224 -34.55 12.67 2.49
C ASP C 224 -34.88 11.20 2.68
N ARG C 225 -36.09 10.90 3.18
CA ARG C 225 -36.40 9.53 3.57
C ARG C 225 -36.20 8.55 2.42
N ASN C 226 -36.54 8.98 1.20
CA ASN C 226 -36.39 8.10 0.04
C ASN C 226 -34.92 7.73 -0.18
N TRP C 227 -34.04 8.73 -0.17
CA TRP C 227 -32.63 8.44 -0.36
C TRP C 227 -32.11 7.44 0.67
N VAL C 228 -32.50 7.63 1.95
CA VAL C 228 -32.01 6.75 3.01
C VAL C 228 -32.59 5.35 2.84
N ALA C 229 -33.91 5.25 2.69
CA ALA C 229 -34.53 3.95 2.47
C ALA C 229 -33.95 3.27 1.23
N GLY C 230 -33.52 4.07 0.25
CA GLY C 230 -32.94 3.58 -0.98
C GLY C 230 -31.53 3.04 -0.87
N LEU C 231 -30.91 3.11 0.31
CA LEU C 231 -29.53 2.66 0.44
C LEU C 231 -29.39 1.14 0.38
N VAL C 232 -30.49 0.40 0.53
CA VAL C 232 -30.48 -1.05 0.36
C VAL C 232 -31.47 -1.52 -0.71
N GLY C 233 -32.44 -0.69 -1.09
CA GLY C 233 -33.45 -1.06 -2.07
C GLY C 233 -34.79 -0.41 -1.83
N HIS D 6 14.96 28.96 -24.01
CA HIS D 6 14.50 28.27 -22.81
C HIS D 6 13.58 29.17 -22.00
N GLY D 7 14.09 30.34 -21.61
CA GLY D 7 13.36 31.29 -20.81
C GLY D 7 13.78 31.29 -19.35
N GLY D 8 12.98 31.96 -18.53
CA GLY D 8 13.14 31.95 -17.10
C GLY D 8 12.41 30.78 -16.45
N THR D 9 12.28 30.85 -15.14
CA THR D 9 11.67 29.78 -14.34
C THR D 9 10.43 30.30 -13.64
N ILE D 10 9.28 29.68 -13.91
CA ILE D 10 8.00 30.04 -13.31
C ILE D 10 7.64 29.00 -12.26
N LEU D 11 7.36 29.45 -11.06
CA LEU D 11 7.03 28.60 -9.94
C LEU D 11 5.71 29.09 -9.36
N VAL D 12 4.70 28.26 -9.39
CA VAL D 12 3.49 28.63 -8.65
C VAL D 12 3.68 28.17 -7.22
N VAL D 13 3.24 29.00 -6.31
CA VAL D 13 3.29 28.72 -4.90
C VAL D 13 1.86 28.52 -4.43
N THR D 14 1.52 27.29 -4.08
CA THR D 14 0.20 26.99 -3.60
C THR D 14 0.30 26.48 -2.17
N GLY D 15 -0.80 25.97 -1.67
CA GLY D 15 -0.84 25.44 -0.33
C GLY D 15 -2.06 24.58 -0.19
N THR D 16 -2.06 23.81 0.89
CA THR D 16 -3.16 22.91 1.19
C THR D 16 -4.42 23.64 1.56
N GLY D 17 -4.39 24.96 1.66
CA GLY D 17 -5.61 25.68 1.97
C GLY D 17 -5.30 27.11 2.33
N THR D 18 -6.22 27.71 3.08
CA THR D 18 -6.10 29.11 3.47
C THR D 18 -5.34 29.23 4.77
N GLY D 19 -4.57 30.29 4.89
CA GLY D 19 -3.85 30.62 6.12
C GLY D 19 -2.78 29.62 6.51
N VAL D 20 -2.01 29.12 5.54
CA VAL D 20 -0.97 28.14 5.81
C VAL D 20 0.42 28.72 5.59
N GLY D 21 0.53 30.00 5.27
CA GLY D 21 1.82 30.62 5.06
C GLY D 21 2.24 30.82 3.61
N LYS D 22 1.30 30.81 2.66
CA LYS D 22 1.68 30.98 1.26
C LYS D 22 2.42 32.29 1.05
N THR D 23 1.84 33.40 1.55
CA THR D 23 2.43 34.71 1.28
C THR D 23 3.82 34.82 1.88
N VAL D 24 3.99 34.40 3.14
CA VAL D 24 5.30 34.54 3.75
C VAL D 24 6.32 33.64 3.06
N VAL D 25 5.92 32.44 2.67
CA VAL D 25 6.83 31.57 1.93
C VAL D 25 7.23 32.22 0.61
N CYS D 26 6.29 32.88 -0.06
CA CYS D 26 6.66 33.62 -1.27
C CYS D 26 7.80 34.58 -1.01
N ALA D 27 7.71 35.32 0.11
CA ALA D 27 8.69 36.33 0.44
C ALA D 27 10.01 35.70 0.85
N ALA D 28 9.95 34.59 1.58
CA ALA D 28 11.18 33.95 2.01
C ALA D 28 11.93 33.35 0.82
N LEU D 29 11.20 32.79 -0.16
CA LEU D 29 11.89 32.28 -1.33
C LEU D 29 12.42 33.42 -2.21
N ALA D 30 11.68 34.51 -2.30
CA ALA D 30 12.19 35.65 -3.05
C ALA D 30 13.42 36.23 -2.37
N SER D 31 13.40 36.37 -1.04
CA SER D 31 14.56 36.86 -0.30
C SER D 31 15.77 35.95 -0.49
N ALA D 32 15.63 34.66 -0.20
CA ALA D 32 16.73 33.74 -0.40
C ALA D 32 17.24 33.78 -1.84
N ALA D 33 16.32 33.85 -2.81
CA ALA D 33 16.71 33.90 -4.21
C ALA D 33 17.46 35.19 -4.55
N ARG D 34 16.97 36.33 -4.05
CA ARG D 34 17.62 37.60 -4.37
C ARG D 34 19.04 37.66 -3.79
N GLN D 35 19.23 37.16 -2.57
CA GLN D 35 20.58 37.11 -2.02
C GLN D 35 21.47 36.19 -2.84
N ALA D 36 20.89 35.16 -3.46
CA ALA D 36 21.63 34.32 -4.38
C ALA D 36 21.84 34.99 -5.73
N GLY D 37 21.42 36.24 -5.88
CA GLY D 37 21.64 36.97 -7.11
C GLY D 37 20.61 36.77 -8.20
N ILE D 38 19.43 36.26 -7.86
CA ILE D 38 18.43 35.94 -8.88
C ILE D 38 17.38 37.05 -8.92
N ASP D 39 17.13 37.56 -10.13
CA ASP D 39 16.01 38.44 -10.37
C ASP D 39 14.72 37.73 -10.01
N VAL D 40 13.81 38.46 -9.36
CA VAL D 40 12.62 37.85 -8.78
C VAL D 40 11.44 38.78 -8.97
N ALA D 41 10.38 38.26 -9.57
CA ALA D 41 9.08 38.92 -9.57
C ALA D 41 8.08 37.96 -8.97
N VAL D 42 6.99 38.52 -8.49
CA VAL D 42 5.94 37.75 -7.84
C VAL D 42 4.63 38.27 -8.41
N CYS D 43 3.72 37.34 -8.72
CA CYS D 43 2.45 37.67 -9.38
C CYS D 43 1.30 37.09 -8.57
N LYS D 44 0.52 37.95 -7.92
CA LYS D 44 -0.74 37.51 -7.34
C LYS D 44 -1.86 38.02 -8.22
N PRO D 45 -2.34 37.26 -9.19
CA PRO D 45 -3.41 37.77 -10.06
C PRO D 45 -4.59 38.34 -9.29
N VAL D 46 -5.08 37.64 -8.26
CA VAL D 46 -6.29 38.01 -7.53
C VAL D 46 -5.98 38.06 -6.05
N GLN D 47 -6.27 39.20 -5.42
CA GLN D 47 -6.17 39.43 -3.98
C GLN D 47 -7.57 39.72 -3.46
N THR D 48 -8.02 39.01 -2.43
CA THR D 48 -9.29 39.41 -1.81
C THR D 48 -9.03 39.95 -0.41
N GLY D 49 -10.13 40.24 0.28
CA GLY D 49 -10.05 40.81 1.61
C GLY D 49 -9.32 42.14 1.67
N THR D 50 -9.53 43.00 0.67
CA THR D 50 -8.84 44.27 0.70
C THR D 50 -9.49 45.25 1.65
N ALA D 51 -10.79 45.10 1.91
CA ALA D 51 -11.50 45.97 2.84
C ALA D 51 -10.80 46.05 4.19
N ARG D 52 -10.26 44.94 4.67
CA ARG D 52 -9.47 44.92 5.89
C ARG D 52 -7.98 45.14 5.63
N GLY D 53 -7.62 45.57 4.42
CA GLY D 53 -6.24 45.91 4.13
C GLY D 53 -5.31 44.75 3.87
N ASP D 54 -5.78 43.68 3.24
CA ASP D 54 -4.88 42.61 2.85
C ASP D 54 -4.19 42.95 1.53
N ASP D 55 -2.90 42.64 1.47
CA ASP D 55 -2.07 43.04 0.34
C ASP D 55 -0.81 42.19 0.32
N ASP D 56 -0.92 40.97 -0.23
CA ASP D 56 0.18 40.02 -0.14
C ASP D 56 1.40 40.49 -0.90
N LEU D 57 1.21 41.15 -2.05
CA LEU D 57 2.35 41.71 -2.79
C LEU D 57 3.11 42.72 -1.94
N ALA D 58 2.40 43.62 -1.27
CA ALA D 58 3.05 44.56 -0.38
C ALA D 58 3.84 43.82 0.68
N GLU D 59 3.23 42.79 1.27
CA GLU D 59 3.94 42.02 2.28
C GLU D 59 5.23 41.46 1.72
N VAL D 60 5.22 41.07 0.43
CA VAL D 60 6.43 40.54 -0.20
C VAL D 60 7.40 41.67 -0.49
N GLY D 61 6.88 42.81 -0.97
CA GLY D 61 7.72 43.98 -1.12
C GLY D 61 8.46 44.31 0.15
N ARG D 62 7.71 44.44 1.26
CA ARG D 62 8.27 44.84 2.54
C ARG D 62 9.31 43.83 3.06
N LEU D 63 9.09 42.53 2.83
CA LEU D 63 9.92 41.52 3.48
C LEU D 63 11.19 41.22 2.69
N ALA D 64 11.08 41.05 1.37
CA ALA D 64 12.22 40.67 0.55
C ALA D 64 12.63 41.75 -0.44
N GLY D 65 11.93 42.87 -0.49
CA GLY D 65 12.38 43.97 -1.32
C GLY D 65 12.12 43.82 -2.80
N VAL D 66 11.33 42.81 -3.19
CA VAL D 66 10.93 42.61 -4.58
C VAL D 66 10.20 43.85 -5.10
N THR D 67 10.56 44.30 -6.30
CA THR D 67 9.83 45.43 -6.87
C THR D 67 8.87 45.03 -7.98
N GLN D 68 9.11 43.93 -8.68
CA GLN D 68 8.25 43.56 -9.80
C GLN D 68 7.09 42.76 -9.22
N LEU D 69 6.03 43.46 -8.83
CA LEU D 69 4.88 42.88 -8.15
C LEU D 69 3.66 43.13 -9.02
N ALA D 70 3.03 42.06 -9.48
CA ALA D 70 2.03 42.15 -10.54
C ALA D 70 0.70 41.57 -10.09
N GLY D 71 -0.39 42.21 -10.51
CA GLY D 71 -1.71 41.82 -10.06
C GLY D 71 -2.78 42.28 -11.02
N LEU D 72 -3.91 41.59 -10.99
CA LEU D 72 -4.98 41.88 -11.92
C LEU D 72 -6.24 42.40 -11.24
N ALA D 73 -6.61 41.88 -10.08
CA ALA D 73 -7.93 42.15 -9.52
C ALA D 73 -7.84 42.27 -8.01
N ARG D 74 -8.83 42.99 -7.44
CA ARG D 74 -8.89 43.22 -6.01
C ARG D 74 -10.34 43.24 -5.58
N TYR D 75 -10.69 42.43 -4.59
CA TYR D 75 -12.05 42.30 -4.07
C TYR D 75 -12.07 42.58 -2.57
N PRO D 76 -13.01 43.38 -2.08
CA PRO D 76 -12.95 43.81 -0.67
C PRO D 76 -13.32 42.71 0.32
N GLN D 77 -14.28 41.86 -0.02
CA GLN D 77 -14.74 40.86 0.94
C GLN D 77 -13.71 39.75 1.12
N PRO D 78 -13.46 39.31 2.35
CA PRO D 78 -12.39 38.32 2.62
C PRO D 78 -12.88 36.89 2.43
N MET D 79 -13.02 36.51 1.17
CA MET D 79 -13.63 35.25 0.78
C MET D 79 -12.85 34.65 -0.37
N ALA D 80 -13.34 33.51 -0.83
CA ALA D 80 -12.90 32.98 -2.11
C ALA D 80 -13.13 34.03 -3.21
N PRO D 81 -12.19 34.15 -4.17
CA PRO D 81 -12.37 35.09 -5.28
C PRO D 81 -13.73 35.04 -5.94
N ALA D 82 -14.22 33.83 -6.26
CA ALA D 82 -15.51 33.72 -6.93
C ALA D 82 -16.64 34.28 -6.06
N ALA D 83 -16.55 34.10 -4.75
CA ALA D 83 -17.61 34.60 -3.89
C ALA D 83 -17.49 36.11 -3.71
N ALA D 84 -16.27 36.59 -3.48
CA ALA D 84 -16.04 38.01 -3.33
C ALA D 84 -16.60 38.78 -4.52
N ALA D 85 -16.46 38.22 -5.72
CA ALA D 85 -16.81 38.93 -6.94
C ALA D 85 -18.32 39.02 -7.10
N GLU D 86 -19.03 37.95 -6.78
CA GLU D 86 -20.48 38.00 -6.88
C GLU D 86 -21.06 38.93 -5.82
N HIS D 87 -20.49 38.91 -4.61
CA HIS D 87 -20.91 39.85 -3.57
C HIS D 87 -20.58 41.28 -3.96
N ALA D 88 -19.58 41.47 -4.81
CA ALA D 88 -19.20 42.78 -5.28
C ALA D 88 -19.90 43.17 -6.57
N GLY D 89 -20.45 42.20 -7.29
CA GLY D 89 -21.19 42.47 -8.50
C GLY D 89 -20.37 42.46 -9.77
N MET D 90 -19.07 42.24 -9.70
CA MET D 90 -18.20 42.21 -10.85
C MET D 90 -17.61 40.82 -11.06
N ALA D 91 -17.33 40.48 -12.31
CA ALA D 91 -16.80 39.15 -12.59
C ALA D 91 -15.34 39.01 -12.18
N LEU D 92 -14.88 37.76 -12.15
CA LEU D 92 -13.45 37.47 -12.04
C LEU D 92 -12.80 37.77 -13.39
N PRO D 93 -11.49 38.03 -13.39
CA PRO D 93 -10.79 38.23 -14.67
C PRO D 93 -10.76 36.95 -15.48
N ALA D 94 -10.53 37.10 -16.78
CA ALA D 94 -10.56 36.02 -17.74
C ALA D 94 -9.29 35.19 -17.69
N ARG D 95 -9.39 33.98 -18.25
CA ARG D 95 -8.24 33.08 -18.24
C ARG D 95 -7.07 33.66 -19.02
N ASP D 96 -7.33 34.37 -20.12
CA ASP D 96 -6.23 34.94 -20.92
C ASP D 96 -5.38 35.86 -20.08
N GLN D 97 -6.03 36.70 -19.28
CA GLN D 97 -5.32 37.75 -18.59
C GLN D 97 -4.27 37.17 -17.67
N ILE D 98 -4.62 36.12 -16.94
CA ILE D 98 -3.70 35.59 -15.94
C ILE D 98 -2.49 34.98 -16.60
N VAL D 99 -2.72 34.07 -17.56
N VAL D 99 -2.72 34.06 -17.54
CA VAL D 99 -1.59 33.36 -18.16
CA VAL D 99 -1.61 33.37 -18.18
C VAL D 99 -0.77 34.31 -19.03
C VAL D 99 -0.78 34.35 -18.99
N ARG D 100 -1.43 35.22 -19.75
CA ARG D 100 -0.68 36.19 -20.56
C ARG D 100 0.11 37.14 -19.67
N LEU D 101 -0.50 37.60 -18.56
CA LEU D 101 0.24 38.44 -17.60
C LEU D 101 1.45 37.71 -17.04
N ILE D 102 1.25 36.48 -16.55
CA ILE D 102 2.37 35.70 -16.03
C ILE D 102 3.42 35.48 -17.11
N ALA D 103 2.98 35.21 -18.35
CA ALA D 103 3.95 34.91 -19.40
C ALA D 103 4.79 36.14 -19.70
N ASP D 104 4.22 37.32 -19.50
CA ASP D 104 4.95 38.55 -19.75
C ASP D 104 5.96 38.87 -18.65
N LEU D 105 5.68 38.49 -17.40
CA LEU D 105 6.68 38.65 -16.35
C LEU D 105 7.91 37.80 -16.61
N ASP D 106 7.75 36.73 -17.37
CA ASP D 106 8.77 35.70 -17.40
C ASP D 106 9.87 36.10 -18.37
N ARG D 107 11.11 36.04 -17.90
CA ARG D 107 12.22 36.45 -18.75
C ARG D 107 13.48 35.72 -18.28
N PRO D 108 14.47 35.57 -19.17
CA PRO D 108 15.69 34.85 -18.81
C PRO D 108 16.32 35.40 -17.54
N GLY D 109 16.72 34.48 -16.67
CA GLY D 109 17.38 34.82 -15.42
C GLY D 109 16.44 35.17 -14.31
N ARG D 110 15.12 35.15 -14.55
CA ARG D 110 14.11 35.56 -13.57
C ARG D 110 13.36 34.36 -13.03
N LEU D 111 13.35 34.22 -11.70
CA LEU D 111 12.40 33.39 -11.00
C LEU D 111 11.10 34.17 -10.80
N THR D 112 10.03 33.71 -11.45
CA THR D 112 8.71 34.33 -11.35
C THR D 112 7.79 33.47 -10.48
N LEU D 113 7.36 34.01 -9.34
CA LEU D 113 6.49 33.32 -8.39
C LEU D 113 5.05 33.75 -8.59
N VAL D 114 4.13 32.78 -8.63
CA VAL D 114 2.71 33.01 -8.85
C VAL D 114 1.98 32.52 -7.61
N GLU D 115 1.41 33.43 -6.84
CA GLU D 115 0.74 33.06 -5.60
C GLU D 115 -0.75 32.85 -5.86
N GLY D 116 -1.27 31.73 -5.39
CA GLY D 116 -2.69 31.52 -5.50
C GLY D 116 -3.48 32.32 -4.47
N ALA D 117 -4.75 31.97 -4.39
CA ALA D 117 -5.62 32.38 -3.31
C ALA D 117 -6.27 31.09 -2.80
N GLY D 118 -5.92 30.69 -1.57
CA GLY D 118 -6.45 29.47 -0.98
C GLY D 118 -5.76 28.24 -1.53
N GLY D 119 -6.48 27.13 -1.47
CA GLY D 119 -5.99 25.88 -1.97
C GLY D 119 -5.75 25.82 -3.46
N LEU D 120 -5.21 24.67 -3.90
CA LEU D 120 -4.81 24.50 -5.29
C LEU D 120 -5.99 24.65 -6.25
N LEU D 121 -7.20 24.30 -5.79
CA LEU D 121 -8.37 24.17 -6.64
C LEU D 121 -9.32 25.35 -6.53
N VAL D 122 -8.87 26.46 -5.97
CA VAL D 122 -9.70 27.65 -5.92
C VAL D 122 -9.89 28.20 -7.32
N GLU D 123 -11.14 28.55 -7.65
CA GLU D 123 -11.47 29.17 -8.93
C GLU D 123 -10.89 30.58 -8.97
N LEU D 124 -9.98 30.83 -9.92
CA LEU D 124 -9.38 32.14 -10.10
C LEU D 124 -9.91 32.91 -11.29
N ALA D 125 -10.46 32.23 -12.31
CA ALA D 125 -10.98 32.90 -13.48
C ALA D 125 -12.38 32.36 -13.84
N GLU D 126 -12.98 32.95 -14.85
N GLU D 126 -12.98 32.96 -14.87
CA GLU D 126 -14.43 32.82 -15.05
CA GLU D 126 -14.42 32.84 -15.09
C GLU D 126 -14.92 31.40 -15.29
C GLU D 126 -14.91 31.41 -15.29
N PRO D 127 -14.33 30.59 -16.19
CA PRO D 127 -14.94 29.29 -16.51
C PRO D 127 -14.59 28.15 -15.56
N GLY D 128 -14.26 28.44 -14.31
CA GLY D 128 -13.82 27.42 -13.37
C GLY D 128 -12.32 27.29 -13.23
N VAL D 129 -11.56 28.32 -13.59
CA VAL D 129 -10.14 28.20 -13.88
C VAL D 129 -9.34 28.28 -12.58
N THR D 130 -8.46 27.32 -12.34
CA THR D 130 -7.68 27.27 -11.11
C THR D 130 -6.19 27.48 -11.37
N LEU D 131 -5.45 27.58 -10.26
CA LEU D 131 -4.00 27.73 -10.34
C LEU D 131 -3.34 26.48 -10.92
N ARG D 132 -4.00 25.33 -10.85
CA ARG D 132 -3.46 24.12 -11.48
C ARG D 132 -3.48 24.26 -12.99
N ASP D 133 -4.62 24.69 -13.54
CA ASP D 133 -4.71 25.01 -14.96
C ASP D 133 -3.61 25.98 -15.37
N VAL D 134 -3.41 27.03 -14.57
CA VAL D 134 -2.44 28.05 -14.92
C VAL D 134 -1.05 27.47 -14.99
N ALA D 135 -0.69 26.61 -14.03
CA ALA D 135 0.63 26.00 -14.03
C ALA D 135 0.86 25.19 -15.30
N VAL D 136 -0.18 24.48 -15.77
CA VAL D 136 -0.02 23.69 -16.99
C VAL D 136 0.18 24.60 -18.18
N ASP D 137 -0.56 25.73 -18.22
CA ASP D 137 -0.52 26.61 -19.39
C ASP D 137 0.79 27.36 -19.52
N VAL D 138 1.51 27.57 -18.43
CA VAL D 138 2.82 28.20 -18.53
C VAL D 138 3.95 27.23 -18.23
N ALA D 139 3.64 25.94 -18.10
CA ALA D 139 4.67 24.93 -17.74
C ALA D 139 5.42 25.30 -16.47
N ALA D 140 4.67 25.61 -15.42
CA ALA D 140 5.26 25.88 -14.13
C ALA D 140 5.22 24.64 -13.23
N ALA D 141 6.22 24.52 -12.37
CA ALA D 141 6.09 23.63 -11.23
C ALA D 141 5.23 24.29 -10.15
N ALA D 142 4.91 23.49 -9.13
CA ALA D 142 4.23 23.97 -7.94
C ALA D 142 5.06 23.69 -6.69
N LEU D 143 5.29 24.73 -5.91
CA LEU D 143 5.77 24.63 -4.54
C LEU D 143 4.57 24.64 -3.60
N VAL D 144 4.45 23.63 -2.74
CA VAL D 144 3.24 23.44 -1.94
C VAL D 144 3.57 23.76 -0.50
N VAL D 145 2.82 24.70 0.07
CA VAL D 145 3.04 25.20 1.42
C VAL D 145 2.11 24.45 2.34
N VAL D 146 2.64 23.91 3.43
CA VAL D 146 1.85 23.09 4.35
C VAL D 146 1.99 23.58 5.79
N THR D 147 1.00 23.20 6.61
CA THR D 147 1.11 23.33 8.06
C THR D 147 1.85 22.13 8.65
N ALA D 148 2.24 22.28 9.91
CA ALA D 148 2.76 21.15 10.68
C ALA D 148 1.68 20.55 11.55
N ASP D 149 0.45 20.99 11.38
CA ASP D 149 -0.67 20.66 12.23
C ASP D 149 -1.22 19.28 11.93
N LEU D 150 -1.98 18.77 12.90
CA LEU D 150 -2.75 17.56 12.73
C LEU D 150 -3.77 17.76 11.60
N GLY D 151 -3.73 16.87 10.63
CA GLY D 151 -4.51 17.02 9.42
C GLY D 151 -3.70 17.41 8.20
N THR D 152 -2.39 17.57 8.32
CA THR D 152 -1.59 18.09 7.22
C THR D 152 -1.22 17.03 6.19
N LEU D 153 -1.08 15.77 6.60
CA LEU D 153 -0.68 14.74 5.66
C LEU D 153 -1.78 14.47 4.65
N ASN D 154 -3.02 14.32 5.11
CA ASN D 154 -4.14 14.12 4.20
C ASN D 154 -4.22 15.24 3.17
N HIS D 155 -4.25 16.48 3.64
CA HIS D 155 -4.25 17.65 2.76
C HIS D 155 -3.06 17.65 1.81
N THR D 156 -1.87 17.30 2.29
CA THR D 156 -0.72 17.31 1.39
C THR D 156 -0.88 16.26 0.31
N LYS D 157 -1.18 15.01 0.69
CA LYS D 157 -1.35 13.95 -0.29
C LYS D 157 -2.46 14.31 -1.29
N LEU D 158 -3.57 14.86 -0.81
CA LEU D 158 -4.60 15.27 -1.74
C LEU D 158 -4.07 16.32 -2.72
N THR D 159 -3.40 17.36 -2.20
CA THR D 159 -2.89 18.39 -3.08
C THR D 159 -1.84 17.82 -4.03
N LEU D 160 -0.92 17.02 -3.50
CA LEU D 160 0.07 16.39 -4.36
C LEU D 160 -0.60 15.47 -5.40
N GLU D 161 -1.72 14.85 -5.06
CA GLU D 161 -2.35 13.95 -6.01
C GLU D 161 -2.98 14.75 -7.14
N ALA D 162 -3.61 15.87 -6.80
CA ALA D 162 -4.22 16.72 -7.81
C ALA D 162 -3.18 17.25 -8.77
N LEU D 163 -2.01 17.62 -8.26
CA LEU D 163 -0.95 18.13 -9.12
C LEU D 163 -0.47 17.07 -10.09
N ALA D 164 -0.17 15.86 -9.57
CA ALA D 164 0.25 14.77 -10.43
C ALA D 164 -0.79 14.46 -11.51
N ALA D 165 -2.07 14.51 -11.15
CA ALA D 165 -3.15 14.24 -12.09
C ALA D 165 -3.08 15.10 -13.35
N GLN D 166 -2.47 16.27 -13.27
CA GLN D 166 -2.35 17.16 -14.41
C GLN D 166 -0.91 17.35 -14.85
N GLN D 167 -0.06 16.35 -14.58
CA GLN D 167 1.37 16.40 -14.82
C GLN D 167 1.96 17.76 -14.51
N VAL D 168 1.52 18.37 -13.41
CA VAL D 168 2.21 19.52 -12.86
C VAL D 168 3.32 18.98 -11.97
N SER D 169 4.55 19.32 -12.32
CA SER D 169 5.69 18.87 -11.54
C SER D 169 5.66 19.52 -10.15
N CYS D 170 5.79 18.70 -9.12
CA CYS D 170 5.87 19.20 -7.76
C CYS D 170 7.31 19.55 -7.44
N ALA D 171 7.57 20.84 -7.21
CA ALA D 171 8.91 21.28 -6.83
C ALA D 171 9.18 21.20 -5.34
N GLY D 172 8.26 20.65 -4.55
CA GLY D 172 8.53 20.34 -3.17
C GLY D 172 7.59 21.02 -2.19
N LEU D 173 7.93 20.86 -0.90
CA LEU D 173 7.11 21.28 0.22
C LEU D 173 7.81 22.35 1.06
N VAL D 174 7.03 23.33 1.52
CA VAL D 174 7.47 24.29 2.53
C VAL D 174 6.47 24.29 3.67
N ILE D 175 6.96 24.11 4.89
CA ILE D 175 6.15 24.31 6.07
C ILE D 175 6.11 25.79 6.40
N GLY D 176 4.91 26.38 6.35
CA GLY D 176 4.80 27.82 6.42
C GLY D 176 5.20 28.38 7.76
N SER D 177 4.81 27.71 8.84
CA SER D 177 5.06 28.19 10.19
C SER D 177 5.53 27.02 11.06
N TRP D 178 6.74 27.13 11.61
CA TRP D 178 7.29 26.04 12.40
C TRP D 178 7.46 26.47 13.86
N PRO D 179 6.80 25.80 14.81
CA PRO D 179 6.81 26.26 16.20
C PRO D 179 8.06 25.83 16.98
N ASP D 180 8.49 26.72 17.86
CA ASP D 180 9.63 26.49 18.76
C ASP D 180 9.13 26.69 20.18
N PRO D 181 8.92 25.62 20.96
CA PRO D 181 9.23 24.22 20.65
C PRO D 181 8.13 23.46 19.92
N PRO D 182 8.52 22.48 19.10
CA PRO D 182 7.53 21.70 18.34
C PRO D 182 6.82 20.71 19.24
N GLY D 183 5.49 20.77 19.24
CA GLY D 183 4.71 19.78 19.97
C GLY D 183 4.98 18.36 19.52
N LEU D 184 4.40 17.38 20.22
CA LEU D 184 4.49 16.00 19.77
C LEU D 184 4.06 15.86 18.32
N VAL D 185 2.91 16.45 17.99
CA VAL D 185 2.33 16.30 16.66
C VAL D 185 3.24 16.91 15.60
N ALA D 186 3.76 18.12 15.88
CA ALA D 186 4.58 18.82 14.91
C ALA D 186 5.79 18.00 14.49
N ALA D 187 6.58 17.54 15.46
CA ALA D 187 7.76 16.76 15.11
C ALA D 187 7.36 15.49 14.37
N SER D 188 6.19 14.96 14.68
CA SER D 188 5.68 13.81 13.94
C SER D 188 5.46 14.15 12.48
N ASN D 189 4.61 15.14 12.23
CA ASN D 189 4.20 15.48 10.87
C ASN D 189 5.40 15.87 10.00
N ARG D 190 6.34 16.63 10.56
CA ARG D 190 7.51 17.02 9.80
C ARG D 190 8.30 15.81 9.32
N SER D 191 8.44 14.79 10.18
CA SER D 191 9.11 13.56 9.77
C SER D 191 8.32 12.85 8.67
N ALA D 192 6.98 12.83 8.79
CA ALA D 192 6.18 12.14 7.80
C ALA D 192 6.08 12.94 6.50
N LEU D 193 6.12 14.28 6.59
CA LEU D 193 6.11 15.09 5.38
C LEU D 193 7.33 14.77 4.51
N ALA D 194 8.51 14.62 5.14
CA ALA D 194 9.76 14.46 4.41
C ALA D 194 9.92 13.07 3.83
N ARG D 195 9.14 12.10 4.30
CA ARG D 195 8.98 10.83 3.58
C ARG D 195 8.09 10.98 2.35
N ILE D 196 7.19 11.98 2.34
CA ILE D 196 6.31 12.19 1.18
C ILE D 196 7.03 12.95 0.07
N ALA D 197 7.66 14.07 0.41
CA ALA D 197 8.28 14.89 -0.62
C ALA D 197 9.40 15.71 0.02
N MET D 198 10.34 16.15 -0.84
CA MET D 198 11.46 16.99 -0.44
C MET D 198 11.01 18.26 0.28
N VAL D 199 11.25 18.35 1.59
CA VAL D 199 10.87 19.54 2.34
C VAL D 199 11.93 20.62 2.14
N ARG D 200 11.59 21.65 1.38
CA ARG D 200 12.55 22.69 1.03
C ARG D 200 12.79 23.64 2.19
N ALA D 201 11.78 23.86 3.04
CA ALA D 201 11.96 24.84 4.11
C ALA D 201 10.91 24.64 5.18
N ALA D 202 11.30 24.94 6.42
CA ALA D 202 10.38 25.13 7.52
C ALA D 202 10.67 26.52 8.06
N LEU D 203 9.73 27.42 7.86
CA LEU D 203 9.94 28.80 8.27
C LEU D 203 9.60 28.97 9.74
N PRO D 204 10.37 29.76 10.48
CA PRO D 204 10.05 29.98 11.90
C PRO D 204 8.76 30.78 12.01
N ALA D 205 7.95 30.43 13.00
CA ALA D 205 6.74 31.19 13.24
C ALA D 205 7.09 32.66 13.49
N GLY D 206 6.10 33.52 13.28
CA GLY D 206 6.30 34.94 13.44
C GLY D 206 7.23 35.55 12.41
N ALA D 207 7.62 34.77 11.39
CA ALA D 207 8.53 35.29 10.38
C ALA D 207 7.98 36.53 9.70
N ALA D 208 6.65 36.68 9.66
CA ALA D 208 6.03 37.87 9.08
C ALA D 208 6.48 39.15 9.76
N SER D 209 6.61 39.13 11.08
CA SER D 209 6.91 40.36 11.81
C SER D 209 8.38 40.75 11.74
N LEU D 210 9.26 39.79 11.44
CA LEU D 210 10.70 40.07 11.34
C LEU D 210 10.95 41.34 10.52
N ASP D 211 11.90 42.15 10.99
CA ASP D 211 12.30 43.31 10.20
C ASP D 211 13.09 42.83 8.98
N ALA D 212 13.12 43.68 7.95
CA ALA D 212 13.67 43.27 6.67
C ALA D 212 15.05 42.65 6.80
N GLY D 213 15.88 43.20 7.70
CA GLY D 213 17.23 42.68 7.83
C GLY D 213 17.27 41.31 8.48
N ASP D 214 16.43 41.08 9.50
CA ASP D 214 16.40 39.80 10.18
C ASP D 214 15.61 38.75 9.40
N PHE D 215 14.65 39.19 8.57
CA PHE D 215 13.93 38.26 7.71
C PHE D 215 14.85 37.69 6.65
N ALA D 216 15.65 38.54 6.01
CA ALA D 216 16.61 38.06 5.02
C ALA D 216 17.59 37.09 5.64
N ALA D 217 17.97 37.33 6.89
CA ALA D 217 18.88 36.43 7.59
C ALA D 217 18.25 35.05 7.77
N MET D 218 16.97 35.02 8.13
CA MET D 218 16.26 33.76 8.23
C MET D 218 16.14 33.10 6.86
N SER D 219 15.58 33.84 5.90
CA SER D 219 15.30 33.31 4.57
C SER D 219 16.55 32.68 3.95
N ALA D 220 17.68 33.37 4.04
CA ALA D 220 18.92 32.82 3.51
C ALA D 220 19.18 31.43 4.09
N ALA D 221 18.90 31.25 5.38
CA ALA D 221 19.18 29.99 6.04
C ALA D 221 18.09 28.95 5.80
N ALA D 222 16.83 29.38 5.69
CA ALA D 222 15.72 28.42 5.67
C ALA D 222 15.85 27.42 4.51
N PHE D 223 16.29 27.87 3.36
CA PHE D 223 16.41 27.02 2.19
C PHE D 223 17.84 26.53 2.03
N ASP D 224 18.03 25.69 1.03
CA ASP D 224 19.35 25.24 0.63
C ASP D 224 19.85 26.15 -0.48
N ARG D 225 21.00 26.79 -0.27
CA ARG D 225 21.51 27.74 -1.25
C ARG D 225 21.82 27.05 -2.57
N ASN D 226 22.14 25.75 -2.55
CA ASN D 226 22.38 25.04 -3.80
C ASN D 226 21.09 24.74 -4.56
N TRP D 227 19.98 24.53 -3.85
CA TRP D 227 18.71 24.25 -4.51
C TRP D 227 18.10 25.51 -5.10
N VAL D 228 18.14 26.62 -4.34
CA VAL D 228 17.62 27.87 -4.84
C VAL D 228 18.40 28.32 -6.07
N ALA D 229 19.73 28.29 -5.97
CA ALA D 229 20.56 28.72 -7.09
C ALA D 229 20.24 27.93 -8.35
N GLY D 230 19.96 26.64 -8.20
CA GLY D 230 19.63 25.78 -9.33
C GLY D 230 18.25 25.98 -9.89
N LEU D 231 17.41 26.79 -9.24
CA LEU D 231 16.15 27.18 -9.85
C LEU D 231 16.37 27.99 -11.11
N VAL D 232 17.52 28.66 -11.19
CA VAL D 232 17.95 29.49 -12.33
C VAL D 232 16.82 30.38 -12.83
#